data_1II9
#
_entry.id   1II9
#
_cell.length_a   76.623
_cell.length_b   222.527
_cell.length_c   74.047
_cell.angle_alpha   90.00
_cell.angle_beta   90.00
_cell.angle_gamma   90.00
#
_symmetry.space_group_name_H-M   'P 21 21 2'
#
loop_
_entity.id
_entity.type
_entity.pdbx_description
1 polymer 'ARSENICAL PUMP-DRIVING ATPASE'
2 non-polymer 'MAGNESIUM ION'
3 non-polymer 'CADMIUM ION'
4 non-polymer 'CHLORIDE ION'
5 non-polymer "ADENOSINE-5'-DIPHOSPHATE"
6 non-polymer 'PHOSPHOAMINOPHOSPHONIC ACID-ADENYLATE ESTER'
7 non-polymer TRIHYDROXYARSENITE(III)
8 water water
#
_entity_poly.entity_id   1
_entity_poly.type   'polypeptide(L)'
_entity_poly.pdbx_seq_one_letter_code
;MQFLQNIPPYLFFTGKGGVGKTSISCATAIRLAEQGKRVLLVSTDPASNVGQVFSQTIGNTIQAIASVPGLSALEIDPQA
AAQQYRARIVDPIKGVLPDDVVSSINEQLSGACTTEIAAFDEFTGLLTDASLLTRFDHIIFDTAPTGHTIRLLQLPGAWS
SFIDSNPEGASCLGPMAGLEKQREQYAYAVEALSDPKRTRLVLVARLQKSTLQEVARTHLELAAIGLKNQYLVINGVLPK
TEAANDTLAAAIWEREQEALANLPADLAGLPTDTLFLQPVNMVGVSALSRLLSTQPVASPSSDEYLQQRPDIPSLSALVD
DIARNEHGLIMLMGKGGVGKTTMAAAIAVRLADMGFDVHLTTSDPAAHLSMTLNGSLNNLQVSRIDPHEETERYRQHVLE
TKGKELDEAGKRLLEEDLRSPCTEEIAVFQAFSRVIREAGKRFVVMDTAPTGHTLLLLDATGAYHREIAKKMGEKGHFTT
PMMLLQDPERTKVLLVTLPETTPVLEAANLQADLERAGIHPWGWIINNSLSIADTRSPLLRMRAQQELPQIESVKRQHAS
RVALVPVLASEPTGIDKLKQLAGHHHHHH
;
_entity_poly.pdbx_strand_id   A,B
#
# COMPACT_ATOMS: atom_id res chain seq x y z
N MET A 1 31.05 -30.19 -26.94
CA MET A 1 30.56 -28.80 -27.19
C MET A 1 30.99 -28.30 -28.57
N GLN A 2 30.07 -27.67 -29.27
CA GLN A 2 30.37 -27.17 -30.59
C GLN A 2 31.38 -26.05 -30.50
N PHE A 3 31.21 -25.16 -29.54
CA PHE A 3 32.13 -24.06 -29.41
C PHE A 3 33.57 -24.49 -29.15
N LEU A 4 33.79 -25.76 -28.80
CA LEU A 4 35.14 -26.27 -28.56
C LEU A 4 35.74 -27.02 -29.77
N GLN A 5 34.92 -27.29 -30.79
CA GLN A 5 35.38 -27.99 -31.97
C GLN A 5 36.01 -27.07 -33.01
N ASN A 6 37.22 -27.42 -33.46
CA ASN A 6 37.91 -26.64 -34.47
C ASN A 6 38.08 -25.18 -34.20
N ILE A 7 38.51 -24.82 -32.99
CA ILE A 7 38.74 -23.43 -32.64
C ILE A 7 39.92 -22.88 -33.44
N PRO A 8 39.77 -21.66 -33.99
CA PRO A 8 40.87 -21.07 -34.76
C PRO A 8 41.88 -20.43 -33.81
N PRO A 9 42.96 -19.87 -34.34
CA PRO A 9 43.89 -19.30 -33.38
C PRO A 9 43.34 -18.22 -32.44
N TYR A 10 42.36 -17.44 -32.89
CA TYR A 10 41.82 -16.39 -32.01
C TYR A 10 40.37 -16.67 -31.57
N LEU A 11 40.15 -16.76 -30.27
CA LEU A 11 38.82 -17.02 -29.73
C LEU A 11 38.46 -15.93 -28.70
N PHE A 12 37.36 -15.22 -28.94
CA PHE A 12 36.90 -14.17 -28.02
C PHE A 12 35.56 -14.50 -27.41
N PHE A 13 35.37 -14.14 -26.15
CA PHE A 13 34.09 -14.40 -25.50
C PHE A 13 33.46 -13.07 -25.18
N THR A 14 32.17 -12.95 -25.44
CA THR A 14 31.51 -11.69 -25.10
C THR A 14 30.18 -11.93 -24.43
N GLY A 15 29.78 -10.97 -23.59
CA GLY A 15 28.53 -11.08 -22.86
C GLY A 15 28.54 -10.10 -21.72
N LYS A 16 27.39 -9.92 -21.06
CA LYS A 16 27.28 -8.96 -19.97
C LYS A 16 28.13 -9.34 -18.75
N GLY A 17 28.38 -8.34 -17.89
CA GLY A 17 29.15 -8.55 -16.69
C GLY A 17 28.55 -9.64 -15.83
N GLY A 18 29.37 -10.65 -15.54
CA GLY A 18 28.91 -11.75 -14.73
C GLY A 18 28.29 -12.96 -15.44
N VAL A 19 28.13 -12.96 -16.77
CA VAL A 19 27.54 -14.13 -17.44
C VAL A 19 28.45 -15.36 -17.40
N GLY A 20 29.73 -15.16 -17.11
CA GLY A 20 30.65 -16.29 -17.04
C GLY A 20 31.65 -16.40 -18.19
N LYS A 21 32.01 -15.26 -18.77
CA LYS A 21 32.96 -15.24 -19.88
C LYS A 21 34.33 -15.72 -19.42
N THR A 22 34.84 -15.16 -18.32
CA THR A 22 36.16 -15.56 -17.86
C THR A 22 36.17 -17.01 -17.45
N SER A 23 35.15 -17.44 -16.71
CA SER A 23 35.07 -18.84 -16.28
C SER A 23 35.13 -19.77 -17.50
N ILE A 24 34.27 -19.52 -18.48
CA ILE A 24 34.26 -20.33 -19.68
C ILE A 24 35.62 -20.26 -20.39
N SER A 25 36.25 -19.10 -20.39
CA SER A 25 37.54 -18.97 -21.05
C SER A 25 38.53 -19.92 -20.41
N CYS A 26 38.66 -19.82 -19.09
CA CYS A 26 39.55 -20.67 -18.30
C CYS A 26 39.27 -22.13 -18.54
N ALA A 27 38.00 -22.50 -18.48
CA ALA A 27 37.58 -23.87 -18.71
C ALA A 27 38.06 -24.35 -20.08
N THR A 28 37.84 -23.55 -21.11
CA THR A 28 38.25 -23.90 -22.46
C THR A 28 39.77 -23.94 -22.56
N ALA A 29 40.43 -23.01 -21.88
CA ALA A 29 41.88 -22.94 -21.89
C ALA A 29 42.46 -24.31 -21.52
N ILE A 30 41.92 -24.90 -20.45
CA ILE A 30 42.37 -26.19 -19.96
C ILE A 30 42.02 -27.29 -20.95
N ARG A 31 40.75 -27.37 -21.33
CA ARG A 31 40.30 -28.39 -22.27
C ARG A 31 41.29 -28.49 -23.43
N LEU A 32 41.63 -27.34 -24.01
CA LEU A 32 42.56 -27.28 -25.12
C LEU A 32 43.95 -27.75 -24.72
N ALA A 33 44.39 -27.32 -23.54
CA ALA A 33 45.71 -27.70 -23.06
C ALA A 33 45.85 -29.23 -22.94
N GLU A 34 44.82 -29.88 -22.41
CA GLU A 34 44.87 -31.32 -22.21
C GLU A 34 44.71 -32.11 -23.50
N GLN A 35 44.46 -31.41 -24.60
CA GLN A 35 44.36 -32.08 -25.89
C GLN A 35 45.72 -31.93 -26.52
N GLY A 36 46.64 -31.31 -25.77
CA GLY A 36 47.99 -31.09 -26.25
C GLY A 36 48.17 -29.84 -27.10
N LYS A 37 47.32 -28.84 -26.90
CA LYS A 37 47.42 -27.61 -27.66
C LYS A 37 48.13 -26.58 -26.81
N ARG A 38 48.89 -25.70 -27.45
CA ARG A 38 49.59 -24.64 -26.74
C ARG A 38 48.59 -23.48 -26.65
N VAL A 39 48.27 -23.06 -25.43
CA VAL A 39 47.27 -22.02 -25.27
C VAL A 39 47.65 -20.76 -24.48
N LEU A 40 47.39 -19.60 -25.07
CA LEU A 40 47.64 -18.33 -24.37
C LEU A 40 46.27 -17.78 -23.91
N LEU A 41 46.16 -17.57 -22.61
CA LEU A 41 44.94 -17.04 -22.01
C LEU A 41 45.17 -15.56 -21.74
N VAL A 42 44.30 -14.70 -22.25
CA VAL A 42 44.47 -13.28 -22.01
C VAL A 42 43.39 -12.70 -21.13
N SER A 43 43.73 -12.41 -19.87
CA SER A 43 42.74 -11.82 -18.97
C SER A 43 42.71 -10.34 -19.30
N THR A 44 41.52 -9.81 -19.49
CA THR A 44 41.37 -8.41 -19.86
C THR A 44 40.41 -7.69 -18.91
N ASP A 45 40.09 -8.34 -17.79
CA ASP A 45 39.18 -7.78 -16.80
C ASP A 45 39.82 -6.72 -15.89
N PRO A 46 39.05 -5.67 -15.56
CA PRO A 46 39.55 -4.60 -14.69
C PRO A 46 40.43 -5.08 -13.54
N ALA A 47 39.86 -5.90 -12.67
CA ALA A 47 40.61 -6.41 -11.53
C ALA A 47 40.74 -7.91 -11.67
N SER A 48 41.46 -8.33 -12.71
CA SER A 48 41.65 -9.75 -13.03
C SER A 48 41.67 -10.70 -11.83
N ASN A 49 41.09 -11.87 -12.03
CA ASN A 49 41.02 -12.89 -11.00
C ASN A 49 41.45 -14.22 -11.60
N VAL A 50 41.99 -14.17 -12.82
CA VAL A 50 42.41 -15.38 -13.49
C VAL A 50 43.61 -16.00 -12.76
N GLY A 51 44.52 -15.18 -12.26
CA GLY A 51 45.66 -15.72 -11.56
C GLY A 51 45.18 -16.47 -10.33
N GLN A 52 44.24 -15.84 -9.64
CA GLN A 52 43.68 -16.43 -8.44
C GLN A 52 43.07 -17.79 -8.77
N VAL A 53 42.13 -17.84 -9.72
CA VAL A 53 41.49 -19.11 -10.05
C VAL A 53 42.54 -20.19 -10.35
N PHE A 54 43.72 -19.78 -10.80
CA PHE A 54 44.78 -20.73 -11.11
C PHE A 54 45.84 -20.78 -10.00
N SER A 55 45.53 -20.11 -8.90
CA SER A 55 46.37 -20.09 -7.72
C SER A 55 47.79 -19.57 -7.91
N GLN A 56 47.93 -18.54 -8.74
CA GLN A 56 49.25 -17.94 -8.96
C GLN A 56 49.08 -16.48 -9.40
N THR A 57 50.20 -15.79 -9.56
CA THR A 57 50.11 -14.41 -9.99
C THR A 57 50.42 -14.38 -11.45
N ILE A 58 49.82 -13.43 -12.14
CA ILE A 58 50.02 -13.26 -13.57
C ILE A 58 50.30 -11.79 -13.73
N GLY A 59 50.78 -11.40 -14.90
CA GLY A 59 51.09 -10.00 -15.11
C GLY A 59 51.16 -9.63 -16.58
N ASN A 60 51.58 -8.39 -16.84
CA ASN A 60 51.68 -7.90 -18.21
C ASN A 60 52.79 -8.58 -19.00
N THR A 61 53.10 -9.82 -18.62
CA THR A 61 54.10 -10.64 -19.31
C THR A 61 53.56 -12.06 -19.42
N ILE A 62 53.84 -12.73 -20.52
CA ILE A 62 53.35 -14.10 -20.68
C ILE A 62 54.05 -15.04 -19.70
N GLN A 63 53.27 -15.65 -18.83
CA GLN A 63 53.79 -16.59 -17.85
C GLN A 63 53.06 -17.92 -17.98
N ALA A 64 53.75 -19.00 -17.64
CA ALA A 64 53.15 -20.32 -17.69
C ALA A 64 52.25 -20.53 -16.47
N ILE A 65 51.18 -21.30 -16.65
CA ILE A 65 50.30 -21.60 -15.56
C ILE A 65 50.69 -23.01 -15.12
N ALA A 66 51.68 -23.05 -14.24
CA ALA A 66 52.25 -24.29 -13.72
C ALA A 66 51.26 -25.39 -13.36
N SER A 67 50.04 -25.01 -12.98
CA SER A 67 49.03 -26.00 -12.60
C SER A 67 48.37 -26.70 -13.80
N VAL A 68 48.77 -26.34 -15.00
CA VAL A 68 48.22 -26.97 -16.20
C VAL A 68 49.16 -26.71 -17.37
N PRO A 69 50.02 -27.70 -17.69
CA PRO A 69 50.97 -27.59 -18.78
C PRO A 69 50.33 -27.36 -20.13
N GLY A 70 51.04 -26.65 -20.99
CA GLY A 70 50.55 -26.34 -22.31
C GLY A 70 49.83 -25.00 -22.32
N LEU A 71 49.50 -24.51 -21.14
CA LEU A 71 48.80 -23.25 -21.01
C LEU A 71 49.64 -22.13 -20.38
N SER A 72 49.42 -20.91 -20.85
CA SER A 72 50.11 -19.74 -20.32
C SER A 72 49.08 -18.61 -20.27
N ALA A 73 49.32 -17.60 -19.44
CA ALA A 73 48.39 -16.50 -19.36
C ALA A 73 49.08 -15.16 -19.49
N LEU A 74 48.28 -14.13 -19.73
CA LEU A 74 48.77 -12.76 -19.86
C LEU A 74 47.61 -11.87 -19.44
N GLU A 75 47.92 -10.89 -18.61
CA GLU A 75 46.91 -9.97 -18.14
C GLU A 75 47.10 -8.59 -18.77
N ILE A 76 46.02 -8.06 -19.33
CA ILE A 76 45.98 -6.74 -19.93
C ILE A 76 45.01 -5.93 -19.06
N ASP A 77 45.56 -5.13 -18.15
CA ASP A 77 44.74 -4.31 -17.27
C ASP A 77 44.11 -3.18 -18.10
N PRO A 78 42.77 -3.09 -18.10
CA PRO A 78 42.14 -2.03 -18.88
C PRO A 78 42.31 -0.66 -18.25
N GLN A 79 42.18 -0.61 -16.92
CA GLN A 79 42.31 0.63 -16.17
C GLN A 79 43.72 1.16 -16.32
N ALA A 80 44.71 0.31 -16.10
CA ALA A 80 46.09 0.73 -16.24
C ALA A 80 46.35 1.20 -17.69
N ALA A 81 45.88 0.44 -18.67
CA ALA A 81 46.07 0.78 -20.07
C ALA A 81 45.42 2.12 -20.41
N ALA A 82 44.23 2.36 -19.86
CA ALA A 82 43.54 3.61 -20.11
C ALA A 82 44.35 4.77 -19.50
N GLN A 83 44.81 4.58 -18.25
CA GLN A 83 45.62 5.58 -17.54
C GLN A 83 46.78 6.02 -18.41
N GLN A 84 47.50 5.05 -18.95
CA GLN A 84 48.67 5.35 -19.77
C GLN A 84 48.35 5.84 -21.17
N TYR A 85 47.14 5.60 -21.63
CA TYR A 85 46.71 6.05 -22.95
C TYR A 85 46.44 7.56 -22.83
N ARG A 86 45.80 7.92 -21.73
CA ARG A 86 45.46 9.30 -21.41
C ARG A 86 46.74 10.09 -21.19
N ALA A 87 47.65 9.53 -20.40
CA ALA A 87 48.91 10.19 -20.10
C ALA A 87 49.71 10.40 -21.40
N ARG A 88 49.60 9.45 -22.31
CA ARG A 88 50.30 9.56 -23.58
C ARG A 88 49.81 10.78 -24.39
N ILE A 89 48.58 11.23 -24.15
CA ILE A 89 48.05 12.38 -24.86
C ILE A 89 48.29 13.67 -24.08
N VAL A 90 47.90 13.65 -22.82
CA VAL A 90 48.04 14.82 -21.94
C VAL A 90 49.44 15.24 -21.53
N ASP A 91 50.30 14.29 -21.14
CA ASP A 91 51.66 14.64 -20.72
C ASP A 91 52.41 15.63 -21.64
N PRO A 92 52.32 15.46 -22.97
CA PRO A 92 52.99 16.34 -23.92
C PRO A 92 52.58 17.82 -23.89
N ILE A 93 51.34 18.12 -23.51
CA ILE A 93 50.88 19.50 -23.48
C ILE A 93 50.86 20.04 -22.07
N LYS A 94 51.07 19.15 -21.13
CA LYS A 94 51.14 19.47 -19.70
C LYS A 94 52.26 20.53 -19.64
N GLY A 95 51.97 21.72 -19.11
CA GLY A 95 53.02 22.71 -19.02
C GLY A 95 53.16 23.67 -20.18
N VAL A 96 52.30 23.50 -21.19
CA VAL A 96 52.33 24.36 -22.35
C VAL A 96 50.97 25.03 -22.40
N LEU A 97 49.95 24.32 -21.91
CA LEU A 97 48.59 24.84 -21.88
C LEU A 97 48.21 25.11 -20.43
N PRO A 98 47.14 25.88 -20.21
CA PRO A 98 46.77 26.15 -18.81
C PRO A 98 46.30 24.88 -18.12
N ASP A 99 46.26 24.93 -16.78
CA ASP A 99 45.86 23.80 -15.97
C ASP A 99 44.39 23.38 -16.12
N ASP A 100 43.49 24.35 -16.20
CA ASP A 100 42.06 24.06 -16.36
C ASP A 100 41.79 23.40 -17.72
N VAL A 101 42.66 23.66 -18.69
CA VAL A 101 42.50 23.08 -20.01
C VAL A 101 42.96 21.62 -19.99
N VAL A 102 44.18 21.41 -19.50
CA VAL A 102 44.75 20.08 -19.39
C VAL A 102 43.81 19.27 -18.49
N SER A 103 43.13 19.96 -17.60
CA SER A 103 42.18 19.35 -16.69
C SER A 103 40.95 18.87 -17.43
N SER A 104 40.38 19.71 -18.29
CA SER A 104 39.19 19.33 -19.06
C SER A 104 39.53 18.21 -20.03
N ILE A 105 40.61 18.39 -20.77
CA ILE A 105 41.01 17.38 -21.73
C ILE A 105 41.19 16.06 -21.04
N ASN A 106 41.77 16.08 -19.84
CA ASN A 106 41.97 14.83 -19.12
C ASN A 106 40.62 14.13 -18.83
N GLU A 107 39.61 14.91 -18.48
CA GLU A 107 38.30 14.35 -18.20
C GLU A 107 37.72 13.76 -19.49
N GLN A 108 37.99 14.41 -20.61
CA GLN A 108 37.51 13.94 -21.89
C GLN A 108 38.08 12.59 -22.26
N LEU A 109 39.07 12.13 -21.50
CA LEU A 109 39.72 10.85 -21.75
C LEU A 109 39.61 9.90 -20.55
N SER A 110 38.54 10.05 -19.77
CA SER A 110 38.35 9.25 -18.56
C SER A 110 37.04 8.48 -18.58
N GLY A 111 36.47 8.33 -19.77
CA GLY A 111 35.21 7.64 -19.88
C GLY A 111 35.37 6.24 -20.44
N ALA A 112 34.28 5.49 -20.39
CA ALA A 112 34.24 4.13 -20.90
C ALA A 112 34.83 4.05 -22.32
N CYS A 113 34.46 5.00 -23.15
CA CYS A 113 34.95 5.01 -24.53
C CYS A 113 36.48 4.98 -24.66
N THR A 114 37.19 5.76 -23.85
CA THR A 114 38.64 5.77 -23.89
C THR A 114 39.17 4.41 -23.50
N THR A 115 38.53 3.81 -22.51
CA THR A 115 38.93 2.48 -22.05
C THR A 115 38.75 1.48 -23.17
N GLU A 116 37.63 1.59 -23.87
CA GLU A 116 37.37 0.69 -25.00
C GLU A 116 38.40 0.87 -26.10
N ILE A 117 38.68 2.11 -26.49
CA ILE A 117 39.67 2.39 -27.53
C ILE A 117 41.03 1.80 -27.10
N ALA A 118 41.46 2.10 -25.87
CA ALA A 118 42.74 1.59 -25.38
C ALA A 118 42.80 0.07 -25.33
N ALA A 119 41.69 -0.58 -25.00
CA ALA A 119 41.69 -2.03 -24.97
C ALA A 119 41.89 -2.50 -26.41
N PHE A 120 41.21 -1.82 -27.33
CA PHE A 120 41.34 -2.21 -28.72
C PHE A 120 42.78 -2.08 -29.18
N ASP A 121 43.50 -1.11 -28.62
CA ASP A 121 44.89 -0.90 -28.98
C ASP A 121 45.72 -2.12 -28.57
N GLU A 122 45.39 -2.71 -27.41
CA GLU A 122 46.10 -3.92 -26.95
C GLU A 122 45.67 -5.10 -27.82
N PHE A 123 44.36 -5.28 -28.03
CA PHE A 123 43.90 -6.38 -28.87
C PHE A 123 44.67 -6.38 -30.21
N THR A 124 44.72 -5.21 -30.85
CA THR A 124 45.40 -5.04 -32.12
C THR A 124 46.86 -5.48 -32.03
N GLY A 125 47.50 -5.12 -30.93
CA GLY A 125 48.88 -5.52 -30.76
C GLY A 125 48.95 -7.04 -30.83
N LEU A 126 48.13 -7.72 -30.03
CA LEU A 126 48.14 -9.17 -30.03
C LEU A 126 47.78 -9.72 -31.40
N LEU A 127 46.62 -9.33 -31.91
CA LEU A 127 46.18 -9.82 -33.21
C LEU A 127 47.17 -9.63 -34.37
N THR A 128 47.94 -8.56 -34.35
CA THR A 128 48.87 -8.33 -35.45
C THR A 128 50.28 -8.87 -35.20
N ASP A 129 50.42 -9.82 -34.28
CA ASP A 129 51.73 -10.40 -34.01
C ASP A 129 51.79 -11.88 -34.41
N ALA A 130 52.22 -12.16 -35.64
CA ALA A 130 52.31 -13.52 -36.15
C ALA A 130 53.11 -14.49 -35.28
N SER A 131 54.26 -14.05 -34.81
CA SER A 131 55.11 -14.89 -33.98
C SER A 131 54.31 -15.63 -32.90
N LEU A 132 53.35 -14.97 -32.30
CA LEU A 132 52.57 -15.64 -31.27
C LEU A 132 52.02 -16.93 -31.80
N LEU A 133 51.46 -16.92 -33.00
CA LEU A 133 50.90 -18.16 -33.54
C LEU A 133 52.00 -19.18 -33.81
N THR A 134 53.23 -18.78 -33.55
CA THR A 134 54.37 -19.65 -33.69
C THR A 134 54.59 -20.35 -32.34
N ARG A 135 54.21 -19.67 -31.26
CA ARG A 135 54.37 -20.21 -29.91
C ARG A 135 53.07 -20.79 -29.34
N PHE A 136 51.95 -20.48 -29.96
CA PHE A 136 50.65 -20.98 -29.50
C PHE A 136 49.70 -21.37 -30.62
N ASP A 137 48.83 -22.32 -30.30
CA ASP A 137 47.83 -22.78 -31.23
C ASP A 137 46.55 -21.98 -31.03
N HIS A 138 46.39 -21.43 -29.84
CA HIS A 138 45.21 -20.65 -29.52
C HIS A 138 45.47 -19.52 -28.53
N ILE A 139 44.85 -18.38 -28.83
CA ILE A 139 44.95 -17.21 -28.00
C ILE A 139 43.52 -16.89 -27.67
N ILE A 140 43.17 -17.00 -26.40
CA ILE A 140 41.80 -16.78 -25.93
C ILE A 140 41.64 -15.53 -25.07
N PHE A 141 40.63 -14.71 -25.41
CA PHE A 141 40.35 -13.47 -24.68
C PHE A 141 39.02 -13.61 -23.96
N ASP A 142 38.93 -13.21 -22.69
CA ASP A 142 37.66 -13.34 -22.01
C ASP A 142 36.72 -12.14 -22.21
N THR A 143 37.03 -11.26 -23.14
CA THR A 143 36.14 -10.17 -23.48
C THR A 143 36.38 -9.91 -24.97
N ALA A 144 35.53 -9.10 -25.58
CA ALA A 144 35.61 -8.78 -27.01
C ALA A 144 35.28 -7.32 -27.27
N PRO A 145 35.88 -6.73 -28.30
CA PRO A 145 35.57 -5.33 -28.58
C PRO A 145 34.13 -5.21 -29.07
N THR A 146 33.51 -4.04 -28.89
CA THR A 146 32.12 -3.82 -29.32
C THR A 146 32.06 -3.37 -30.76
N GLY A 147 30.87 -3.50 -31.35
CA GLY A 147 30.67 -3.07 -32.74
C GLY A 147 31.01 -1.60 -32.92
N HIS A 148 30.60 -0.79 -31.95
CA HIS A 148 30.86 0.64 -31.95
C HIS A 148 32.37 0.90 -32.11
N THR A 149 33.17 0.35 -31.20
CA THR A 149 34.61 0.52 -31.24
C THR A 149 35.19 0.09 -32.61
N ILE A 150 34.63 -0.96 -33.18
CA ILE A 150 35.11 -1.44 -34.46
C ILE A 150 34.71 -0.50 -35.59
N ARG A 151 33.47 -0.01 -35.57
CA ARG A 151 33.04 0.92 -36.59
C ARG A 151 33.97 2.14 -36.61
N LEU A 152 34.15 2.76 -35.45
CA LEU A 152 35.00 3.93 -35.32
C LEU A 152 36.37 3.78 -35.96
N LEU A 153 37.07 2.69 -35.66
CA LEU A 153 38.40 2.49 -36.21
C LEU A 153 38.41 2.08 -37.68
N GLN A 154 37.25 1.83 -38.25
CA GLN A 154 37.22 1.43 -39.65
C GLN A 154 36.70 2.55 -40.54
N LEU A 155 36.36 3.68 -39.93
CA LEU A 155 35.87 4.84 -40.70
C LEU A 155 37.03 5.63 -41.33
N PRO A 156 36.91 5.95 -42.62
CA PRO A 156 37.98 6.70 -43.29
C PRO A 156 38.17 8.00 -42.56
N GLY A 157 37.04 8.59 -42.18
CA GLY A 157 37.02 9.85 -41.46
C GLY A 157 37.80 9.89 -40.15
N ALA A 158 37.96 8.75 -39.49
CA ALA A 158 38.71 8.71 -38.23
C ALA A 158 40.17 9.07 -38.48
N TRP A 159 40.65 8.86 -39.71
CA TRP A 159 42.03 9.13 -40.05
C TRP A 159 42.27 10.45 -40.77
N SER A 160 41.29 10.91 -41.53
CA SER A 160 41.45 12.14 -42.29
C SER A 160 40.72 13.36 -41.75
N SER A 161 39.92 13.19 -40.70
CA SER A 161 39.17 14.30 -40.15
C SER A 161 39.55 14.65 -38.71
N PHE A 162 39.18 15.86 -38.30
CA PHE A 162 39.42 16.31 -36.94
C PHE A 162 38.17 17.07 -36.47
N ILE A 163 37.69 16.77 -35.27
CA ILE A 163 36.47 17.45 -34.79
C ILE A 163 36.67 18.43 -33.62
N ASP A 164 36.19 19.66 -33.82
CA ASP A 164 36.25 20.76 -32.84
C ASP A 164 36.24 20.34 -31.37
N SER A 171 30.96 14.65 -26.07
CA SER A 171 31.60 13.90 -27.14
C SER A 171 32.73 13.03 -26.62
N CYS A 172 32.93 11.88 -27.26
CA CYS A 172 33.96 10.95 -26.85
C CYS A 172 35.00 10.66 -27.94
N LEU A 173 35.18 11.57 -28.88
CA LEU A 173 36.16 11.32 -29.92
C LEU A 173 37.62 11.58 -29.48
N GLY A 174 37.79 12.19 -28.32
CA GLY A 174 39.12 12.49 -27.79
C GLY A 174 40.14 11.36 -27.83
N PRO A 175 39.78 10.13 -27.42
CA PRO A 175 40.73 9.01 -27.42
C PRO A 175 41.31 8.61 -28.77
N MET A 176 40.66 9.01 -29.86
CA MET A 176 41.10 8.65 -31.22
C MET A 176 42.51 9.18 -31.58
N ALA A 177 42.85 10.35 -31.06
CA ALA A 177 44.16 10.92 -31.33
C ALA A 177 45.23 10.22 -30.49
N GLY A 178 44.85 9.15 -29.79
CA GLY A 178 45.81 8.43 -28.97
C GLY A 178 46.41 7.21 -29.63
N LEU A 179 45.81 6.75 -30.71
CA LEU A 179 46.32 5.58 -31.40
C LEU A 179 47.65 5.98 -32.02
N GLU A 180 48.70 5.23 -31.68
CA GLU A 180 49.99 5.58 -32.23
C GLU A 180 50.44 4.63 -33.32
N LYS A 181 49.73 3.51 -33.46
CA LYS A 181 50.04 2.54 -34.50
C LYS A 181 49.54 3.09 -35.81
N GLN A 182 50.09 2.60 -36.90
CA GLN A 182 49.66 3.05 -38.20
C GLN A 182 48.27 2.50 -38.49
N ARG A 183 47.51 3.26 -39.28
CA ARG A 183 46.17 2.89 -39.67
C ARG A 183 46.12 1.45 -40.20
N GLU A 184 47.19 1.03 -40.89
CA GLU A 184 47.27 -0.30 -41.47
C GLU A 184 47.17 -1.43 -40.48
N GLN A 185 47.63 -1.22 -39.25
CA GLN A 185 47.59 -2.27 -38.25
C GLN A 185 46.17 -2.44 -37.70
N TYR A 186 45.49 -1.31 -37.50
CA TYR A 186 44.13 -1.38 -36.99
C TYR A 186 43.27 -2.07 -38.04
N ALA A 187 43.56 -1.82 -39.31
CA ALA A 187 42.76 -2.44 -40.37
C ALA A 187 43.06 -3.94 -40.43
N TYR A 188 44.32 -4.27 -40.19
CA TYR A 188 44.77 -5.67 -40.20
C TYR A 188 44.04 -6.42 -39.08
N ALA A 189 44.01 -5.83 -37.88
CA ALA A 189 43.33 -6.42 -36.74
C ALA A 189 41.87 -6.70 -37.09
N VAL A 190 41.16 -5.66 -37.52
CA VAL A 190 39.75 -5.83 -37.86
C VAL A 190 39.57 -6.92 -38.91
N GLU A 191 40.58 -7.05 -39.76
CA GLU A 191 40.57 -8.04 -40.81
C GLU A 191 40.63 -9.41 -40.16
N ALA A 192 41.49 -9.55 -39.16
CA ALA A 192 41.64 -10.83 -38.48
C ALA A 192 40.39 -11.18 -37.67
N LEU A 193 39.72 -10.17 -37.13
CA LEU A 193 38.51 -10.43 -36.36
C LEU A 193 37.35 -10.84 -37.25
N SER A 194 37.44 -10.51 -38.53
CA SER A 194 36.36 -10.83 -39.48
C SER A 194 36.65 -12.07 -40.29
N ASP A 195 37.81 -12.64 -40.07
CA ASP A 195 38.18 -13.82 -40.81
C ASP A 195 37.74 -15.06 -40.04
N PRO A 196 36.66 -15.71 -40.48
CA PRO A 196 36.23 -16.90 -39.76
C PRO A 196 37.36 -17.93 -39.61
N LYS A 197 38.38 -17.83 -40.44
CA LYS A 197 39.51 -18.75 -40.39
C LYS A 197 40.47 -18.47 -39.23
N ARG A 198 40.47 -17.24 -38.76
CA ARG A 198 41.33 -16.84 -37.66
C ARG A 198 40.62 -16.55 -36.36
N THR A 199 39.36 -16.11 -36.45
CA THR A 199 38.63 -15.72 -35.25
C THR A 199 37.22 -16.23 -35.09
N ARG A 200 36.94 -16.81 -33.92
CA ARG A 200 35.61 -17.30 -33.59
C ARG A 200 35.09 -16.44 -32.42
N LEU A 201 33.86 -15.95 -32.53
CA LEU A 201 33.24 -15.12 -31.49
C LEU A 201 32.17 -15.96 -30.76
N VAL A 202 32.27 -16.07 -29.45
CA VAL A 202 31.31 -16.86 -28.65
C VAL A 202 30.46 -15.94 -27.79
N LEU A 203 29.15 -15.86 -28.08
CA LEU A 203 28.23 -15.03 -27.30
C LEU A 203 27.82 -15.82 -26.07
N VAL A 204 28.07 -15.29 -24.89
CA VAL A 204 27.68 -15.94 -23.64
C VAL A 204 26.39 -15.29 -23.14
N ALA A 205 25.39 -16.08 -22.76
CA ALA A 205 24.15 -15.49 -22.26
C ALA A 205 23.52 -16.37 -21.17
N ARG A 206 22.28 -16.08 -20.83
CA ARG A 206 21.56 -16.84 -19.82
C ARG A 206 20.19 -17.07 -20.39
N LEU A 207 19.46 -18.03 -19.82
CA LEU A 207 18.12 -18.30 -20.31
C LEU A 207 17.11 -17.38 -19.62
N GLN A 208 17.21 -16.10 -19.93
CA GLN A 208 16.34 -15.08 -19.39
C GLN A 208 15.89 -14.28 -20.61
N LYS A 209 14.59 -14.20 -20.82
CA LYS A 209 14.02 -13.48 -21.96
C LYS A 209 14.75 -12.21 -22.32
N SER A 210 15.10 -11.45 -21.30
CA SER A 210 15.79 -10.16 -21.45
C SER A 210 17.26 -10.21 -21.90
N THR A 211 18.06 -11.04 -21.24
CA THR A 211 19.47 -11.16 -21.60
C THR A 211 19.62 -11.62 -23.04
N LEU A 212 18.75 -12.54 -23.48
CA LEU A 212 18.79 -13.04 -24.86
C LEU A 212 18.54 -11.91 -25.86
N GLN A 213 17.72 -10.95 -25.47
CA GLN A 213 17.43 -9.81 -26.33
C GLN A 213 18.70 -9.02 -26.61
N GLU A 214 19.50 -8.80 -25.58
CA GLU A 214 20.75 -8.06 -25.69
C GLU A 214 21.76 -8.83 -26.54
N VAL A 215 21.82 -10.14 -26.36
CA VAL A 215 22.74 -10.96 -27.13
C VAL A 215 22.39 -10.92 -28.60
N ALA A 216 21.12 -11.19 -28.92
CA ALA A 216 20.65 -11.18 -30.29
C ALA A 216 21.11 -9.89 -30.96
N ARG A 217 21.07 -8.81 -30.20
CA ARG A 217 21.47 -7.49 -30.65
C ARG A 217 22.98 -7.42 -30.93
N THR A 218 23.80 -7.88 -29.98
CA THR A 218 25.24 -7.86 -30.16
C THR A 218 25.65 -8.66 -31.40
N HIS A 219 24.95 -9.76 -31.61
CA HIS A 219 25.20 -10.65 -32.72
C HIS A 219 24.97 -9.97 -34.07
N LEU A 220 23.89 -9.19 -34.19
CA LEU A 220 23.60 -8.49 -35.43
C LEU A 220 24.63 -7.39 -35.69
N GLU A 221 24.98 -6.65 -34.64
CA GLU A 221 25.97 -5.58 -34.78
C GLU A 221 27.31 -6.12 -35.24
N LEU A 222 27.77 -7.19 -34.59
CA LEU A 222 29.05 -7.81 -34.91
C LEU A 222 29.06 -8.51 -36.27
N ALA A 223 27.90 -9.01 -36.68
CA ALA A 223 27.79 -9.70 -37.97
C ALA A 223 27.87 -8.70 -39.12
N ALA A 224 27.07 -7.65 -39.05
CA ALA A 224 27.07 -6.63 -40.09
C ALA A 224 28.50 -6.11 -40.28
N ILE A 225 29.23 -6.06 -39.19
CA ILE A 225 30.61 -5.60 -39.20
C ILE A 225 31.55 -6.61 -39.87
N GLY A 226 31.17 -7.88 -39.85
CA GLY A 226 32.00 -8.88 -40.47
C GLY A 226 32.25 -10.15 -39.67
N LEU A 227 32.02 -10.11 -38.36
CA LEU A 227 32.23 -11.32 -37.58
C LEU A 227 31.04 -12.24 -37.80
N LYS A 228 31.22 -13.20 -38.68
CA LYS A 228 30.15 -14.13 -39.00
C LYS A 228 30.45 -15.52 -38.46
N ASN A 229 31.54 -15.65 -37.73
CA ASN A 229 31.87 -16.93 -37.13
C ASN A 229 31.49 -16.76 -35.65
N GLN A 230 30.20 -16.93 -35.38
CA GLN A 230 29.66 -16.78 -34.03
C GLN A 230 29.03 -18.05 -33.48
N TYR A 231 29.15 -18.25 -32.18
CA TYR A 231 28.59 -19.40 -31.47
C TYR A 231 27.88 -18.92 -30.21
N LEU A 232 26.75 -19.56 -29.89
CA LEU A 232 25.99 -19.19 -28.71
C LEU A 232 26.22 -20.19 -27.57
N VAL A 233 26.60 -19.67 -26.42
CA VAL A 233 26.81 -20.51 -25.26
C VAL A 233 25.89 -20.00 -24.16
N ILE A 234 24.81 -20.74 -23.89
CA ILE A 234 23.88 -20.36 -22.84
C ILE A 234 24.42 -21.00 -21.58
N ASN A 235 24.80 -20.16 -20.63
CA ASN A 235 25.39 -20.61 -19.38
C ASN A 235 24.44 -20.57 -18.18
N GLY A 236 24.85 -21.24 -17.10
CA GLY A 236 24.08 -21.25 -15.86
C GLY A 236 22.69 -21.84 -15.86
N VAL A 237 22.36 -22.59 -16.92
CA VAL A 237 21.05 -23.24 -17.03
C VAL A 237 20.71 -24.16 -15.86
N LEU A 238 19.45 -24.05 -15.41
CA LEU A 238 18.93 -24.84 -14.32
C LEU A 238 18.45 -26.20 -14.85
N PRO A 239 19.03 -27.29 -14.34
CA PRO A 239 18.68 -28.67 -14.75
C PRO A 239 17.34 -29.15 -14.20
N LYS A 240 16.46 -29.61 -15.10
CA LYS A 240 15.13 -30.12 -14.72
C LYS A 240 15.16 -31.06 -13.51
N THR A 241 16.20 -31.87 -13.42
CA THR A 241 16.38 -32.79 -12.31
C THR A 241 16.63 -31.94 -11.04
N GLU A 242 15.77 -30.96 -10.84
CA GLU A 242 15.87 -30.05 -9.71
C GLU A 242 14.55 -29.31 -9.53
N ALA A 243 13.75 -29.26 -10.60
CA ALA A 243 12.45 -28.59 -10.56
C ALA A 243 11.47 -29.45 -9.77
N ALA A 244 11.94 -30.62 -9.32
CA ALA A 244 11.13 -31.54 -8.55
C ALA A 244 11.21 -31.25 -7.06
N ASN A 245 10.05 -31.22 -6.40
CA ASN A 245 9.93 -30.96 -4.96
C ASN A 245 9.75 -29.49 -4.60
N ASP A 246 10.74 -28.66 -4.93
CA ASP A 246 10.68 -27.23 -4.60
C ASP A 246 10.04 -26.36 -5.66
N THR A 247 9.00 -25.64 -5.25
CA THR A 247 8.23 -24.77 -6.14
C THR A 247 8.99 -23.61 -6.80
N LEU A 248 10.02 -23.10 -6.13
CA LEU A 248 10.81 -21.99 -6.67
C LEU A 248 11.60 -22.47 -7.90
N ALA A 249 12.35 -23.55 -7.71
CA ALA A 249 13.15 -24.15 -8.77
C ALA A 249 12.24 -24.43 -9.97
N ALA A 250 11.04 -24.90 -9.68
CA ALA A 250 10.06 -25.23 -10.71
C ALA A 250 9.65 -23.99 -11.49
N ALA A 251 9.46 -22.88 -10.80
CA ALA A 251 9.07 -21.63 -11.45
C ALA A 251 10.16 -21.24 -12.43
N ILE A 252 11.40 -21.29 -11.95
CA ILE A 252 12.57 -20.94 -12.74
C ILE A 252 12.74 -21.83 -13.96
N TRP A 253 13.00 -23.11 -13.70
CA TRP A 253 13.18 -24.09 -14.78
C TRP A 253 12.21 -23.89 -15.93
N GLU A 254 10.96 -23.53 -15.62
CA GLU A 254 9.97 -23.31 -16.68
C GLU A 254 10.30 -22.05 -17.43
N ARG A 255 10.46 -20.97 -16.67
CA ARG A 255 10.77 -19.67 -17.24
C ARG A 255 11.93 -19.75 -18.23
N GLU A 256 12.88 -20.64 -17.97
CA GLU A 256 14.02 -20.80 -18.84
C GLU A 256 13.66 -21.65 -20.04
N GLN A 257 13.02 -22.79 -19.78
CA GLN A 257 12.61 -23.68 -20.85
C GLN A 257 11.70 -22.91 -21.79
N GLU A 258 11.03 -21.92 -21.22
CA GLU A 258 10.14 -21.07 -21.96
C GLU A 258 11.06 -20.31 -22.94
N ALA A 259 11.88 -19.42 -22.39
CA ALA A 259 12.80 -18.64 -23.20
C ALA A 259 13.63 -19.53 -24.12
N LEU A 260 14.26 -20.54 -23.55
CA LEU A 260 15.09 -21.46 -24.32
C LEU A 260 14.37 -21.89 -25.58
N ALA A 261 13.07 -22.12 -25.44
CA ALA A 261 12.23 -22.55 -26.55
C ALA A 261 11.86 -21.39 -27.47
N ASN A 262 11.87 -20.18 -26.96
CA ASN A 262 11.53 -19.00 -27.76
C ASN A 262 12.71 -18.09 -28.00
N LEU A 263 13.87 -18.69 -28.26
CA LEU A 263 15.07 -17.91 -28.53
C LEU A 263 14.74 -16.89 -29.61
N PRO A 264 15.24 -15.66 -29.44
CA PRO A 264 14.92 -14.69 -30.50
C PRO A 264 15.36 -15.25 -31.86
N ALA A 265 14.59 -14.92 -32.90
CA ALA A 265 14.86 -15.40 -34.25
C ALA A 265 16.32 -15.40 -34.69
N ASP A 266 16.98 -14.25 -34.55
CA ASP A 266 18.37 -14.12 -34.97
C ASP A 266 19.32 -15.15 -34.39
N LEU A 267 19.16 -15.46 -33.12
CA LEU A 267 20.02 -16.44 -32.45
C LEU A 267 19.70 -17.89 -32.79
N ALA A 268 18.53 -18.12 -33.35
CA ALA A 268 18.10 -19.47 -33.69
C ALA A 268 19.10 -20.20 -34.56
N GLY A 269 19.51 -19.56 -35.65
CA GLY A 269 20.44 -20.20 -36.55
C GLY A 269 21.87 -20.37 -36.04
N LEU A 270 22.11 -19.89 -34.83
CA LEU A 270 23.44 -19.98 -34.25
C LEU A 270 23.73 -21.32 -33.60
N PRO A 271 24.93 -21.87 -33.83
CA PRO A 271 25.24 -23.14 -33.19
C PRO A 271 25.16 -22.83 -31.70
N THR A 272 24.50 -23.69 -30.94
CA THR A 272 24.28 -23.42 -29.52
C THR A 272 24.63 -24.55 -28.54
N ASP A 273 25.14 -24.19 -27.37
CA ASP A 273 25.46 -25.18 -26.35
C ASP A 273 24.94 -24.55 -25.06
N THR A 274 24.63 -25.37 -24.07
CA THR A 274 24.15 -24.82 -22.82
C THR A 274 24.99 -25.45 -21.74
N LEU A 275 25.31 -24.68 -20.70
CA LEU A 275 26.12 -25.16 -19.59
C LEU A 275 25.22 -25.13 -18.38
N PHE A 276 25.51 -26.00 -17.42
CA PHE A 276 24.68 -26.11 -16.23
C PHE A 276 25.07 -25.25 -15.06
N LEU A 277 24.03 -24.79 -14.36
CA LEU A 277 24.22 -24.00 -13.15
C LEU A 277 25.03 -24.87 -12.19
N GLN A 278 26.17 -24.36 -11.74
CA GLN A 278 27.03 -25.10 -10.84
C GLN A 278 26.78 -24.76 -9.38
N PRO A 279 26.98 -25.72 -8.48
CA PRO A 279 26.80 -25.60 -7.03
C PRO A 279 27.64 -24.52 -6.39
N VAL A 280 28.96 -24.64 -6.57
CA VAL A 280 29.91 -23.68 -6.01
C VAL A 280 30.55 -22.84 -7.11
N ASN A 281 30.86 -21.58 -6.81
CA ASN A 281 31.51 -20.71 -7.79
C ASN A 281 32.92 -21.27 -7.96
N MET A 282 33.23 -21.72 -9.18
CA MET A 282 34.53 -22.32 -9.51
C MET A 282 35.71 -21.60 -8.88
N VAL A 283 36.79 -22.34 -8.67
CA VAL A 283 37.97 -21.74 -8.06
C VAL A 283 39.19 -22.63 -8.27
N GLY A 284 39.04 -23.62 -9.13
CA GLY A 284 40.16 -24.50 -9.42
C GLY A 284 39.98 -25.27 -10.71
N VAL A 285 41.07 -25.89 -11.18
CA VAL A 285 41.04 -26.68 -12.40
C VAL A 285 39.91 -27.70 -12.31
N SER A 286 39.85 -28.40 -11.19
CA SER A 286 38.82 -29.41 -10.98
C SER A 286 37.43 -28.86 -11.24
N ALA A 287 37.05 -27.86 -10.47
CA ALA A 287 35.72 -27.25 -10.61
C ALA A 287 35.45 -26.68 -11.99
N LEU A 288 36.44 -25.97 -12.55
CA LEU A 288 36.30 -25.36 -13.88
C LEU A 288 35.98 -26.41 -14.93
N SER A 289 36.77 -27.48 -14.94
CA SER A 289 36.57 -28.57 -15.88
C SER A 289 35.14 -29.11 -15.84
N ARG A 290 34.58 -29.22 -14.64
CA ARG A 290 33.22 -29.73 -14.48
C ARG A 290 32.26 -29.00 -15.42
N LEU A 291 32.27 -27.67 -15.34
CA LEU A 291 31.43 -26.78 -16.16
C LEU A 291 31.13 -27.23 -17.59
N LEU A 292 32.09 -27.83 -18.28
CA LEU A 292 31.86 -28.24 -19.67
C LEU A 292 31.22 -29.61 -19.86
N SER A 293 30.48 -30.11 -18.86
CA SER A 293 29.85 -31.43 -18.98
C SER A 293 28.40 -31.42 -19.42
N THR A 294 27.74 -32.56 -19.25
CA THR A 294 26.33 -32.71 -19.63
C THR A 294 25.37 -32.96 -18.47
N GLN A 295 25.76 -32.50 -17.28
CA GLN A 295 24.99 -32.60 -16.03
C GLN A 295 25.78 -33.30 -14.93
N ARG A 309 20.04 -16.88 7.05
CA ARG A 309 19.67 -15.76 6.18
C ARG A 309 20.37 -14.46 6.59
N PRO A 310 21.07 -13.81 5.64
CA PRO A 310 21.79 -12.57 5.90
C PRO A 310 20.97 -11.50 6.61
N ASP A 311 21.69 -10.71 7.41
CA ASP A 311 21.14 -9.62 8.20
C ASP A 311 21.05 -8.33 7.37
N ILE A 312 20.28 -8.39 6.29
CA ILE A 312 20.09 -7.26 5.40
C ILE A 312 18.59 -6.96 5.34
N PRO A 313 18.18 -5.72 5.62
CA PRO A 313 16.77 -5.30 5.60
C PRO A 313 16.11 -5.39 4.21
N SER A 314 14.78 -5.43 4.23
CA SER A 314 13.96 -5.52 3.02
C SER A 314 13.98 -4.17 2.33
N LEU A 315 13.54 -4.14 1.07
CA LEU A 315 13.51 -2.91 0.28
C LEU A 315 12.54 -1.93 0.94
N SER A 316 11.53 -2.49 1.59
CA SER A 316 10.52 -1.72 2.27
C SER A 316 11.18 -0.83 3.34
N ALA A 317 12.25 -1.34 3.94
CA ALA A 317 12.98 -0.60 4.95
C ALA A 317 13.68 0.61 4.30
N LEU A 318 14.22 0.46 3.09
CA LEU A 318 14.86 1.59 2.40
C LEU A 318 13.83 2.65 2.06
N VAL A 319 12.70 2.19 1.56
CA VAL A 319 11.63 3.09 1.17
C VAL A 319 11.05 3.86 2.37
N ASP A 320 10.99 3.21 3.54
CA ASP A 320 10.46 3.90 4.71
C ASP A 320 11.38 5.09 5.02
N ASP A 321 12.68 4.87 4.90
CA ASP A 321 13.63 5.94 5.13
C ASP A 321 13.70 6.96 3.97
N ILE A 322 13.27 6.56 2.77
CA ILE A 322 13.25 7.51 1.65
C ILE A 322 11.99 8.35 1.89
N ALA A 323 10.98 7.72 2.48
CA ALA A 323 9.72 8.40 2.77
C ALA A 323 9.82 9.48 3.86
N ARG A 324 10.78 9.36 4.77
CA ARG A 324 10.96 10.34 5.85
C ARG A 324 10.81 11.80 5.45
N ASN A 325 11.60 12.27 4.48
CA ASN A 325 11.49 13.67 4.04
C ASN A 325 10.17 14.00 3.36
N GLU A 326 9.48 12.98 2.83
CA GLU A 326 8.21 13.19 2.14
C GLU A 326 8.33 13.87 0.75
N HIS A 327 9.53 13.87 0.18
CA HIS A 327 9.77 14.46 -1.14
C HIS A 327 11.22 14.21 -1.49
N GLY A 328 11.50 14.20 -2.79
CA GLY A 328 12.87 13.99 -3.22
C GLY A 328 13.01 13.34 -4.58
N LEU A 329 14.19 13.51 -5.17
CA LEU A 329 14.49 12.93 -6.46
C LEU A 329 15.13 11.56 -6.23
N ILE A 330 14.45 10.50 -6.65
CA ILE A 330 14.98 9.14 -6.48
C ILE A 330 15.52 8.61 -7.77
N MET A 331 16.84 8.54 -7.87
CA MET A 331 17.46 8.07 -9.09
C MET A 331 18.10 6.70 -8.98
N LEU A 332 17.56 5.74 -9.72
CA LEU A 332 18.10 4.40 -9.69
C LEU A 332 19.17 4.19 -10.75
N MET A 333 20.34 3.77 -10.31
CA MET A 333 21.46 3.56 -11.21
C MET A 333 22.05 2.15 -11.18
N GLY A 334 22.85 1.83 -12.20
CA GLY A 334 23.47 0.52 -12.29
C GLY A 334 23.73 0.08 -13.74
N LYS A 335 24.30 -1.11 -13.90
CA LYS A 335 24.60 -1.63 -15.22
C LYS A 335 23.32 -2.10 -15.89
N GLY A 336 23.43 -2.58 -17.12
CA GLY A 336 22.26 -3.05 -17.83
C GLY A 336 21.75 -4.36 -17.29
N GLY A 337 20.42 -4.45 -17.21
CA GLY A 337 19.77 -5.66 -16.75
C GLY A 337 19.70 -5.97 -15.27
N VAL A 338 20.40 -5.23 -14.40
CA VAL A 338 20.33 -5.57 -12.97
C VAL A 338 18.95 -5.34 -12.35
N GLY A 339 18.02 -4.78 -13.13
CA GLY A 339 16.67 -4.54 -12.65
C GLY A 339 16.33 -3.13 -12.21
N LYS A 340 17.00 -2.15 -12.79
CA LYS A 340 16.77 -0.76 -12.40
C LYS A 340 15.31 -0.38 -12.52
N THR A 341 14.72 -0.61 -13.69
CA THR A 341 13.33 -0.24 -13.92
C THR A 341 12.36 -0.92 -12.94
N THR A 342 12.63 -2.17 -12.59
CA THR A 342 11.79 -2.88 -11.67
C THR A 342 11.92 -2.29 -10.25
N MET A 343 13.14 -2.00 -9.81
CA MET A 343 13.31 -1.43 -8.47
C MET A 343 12.65 -0.04 -8.46
N ALA A 344 12.78 0.70 -9.56
CA ALA A 344 12.19 2.02 -9.65
C ALA A 344 10.65 1.98 -9.61
N ALA A 345 10.05 0.91 -10.11
CA ALA A 345 8.60 0.79 -10.09
C ALA A 345 8.13 0.34 -8.70
N ALA A 346 8.89 -0.55 -8.08
CA ALA A 346 8.54 -1.03 -6.76
C ALA A 346 8.58 0.15 -5.76
N ILE A 347 9.65 0.92 -5.82
CA ILE A 347 9.79 2.05 -4.92
C ILE A 347 8.66 3.04 -5.16
N ALA A 348 8.41 3.40 -6.41
CA ALA A 348 7.34 4.36 -6.71
C ALA A 348 5.96 3.86 -6.24
N VAL A 349 5.70 2.58 -6.47
CA VAL A 349 4.45 2.01 -6.06
C VAL A 349 4.31 2.06 -4.53
N ARG A 350 5.38 1.72 -3.83
CA ARG A 350 5.35 1.75 -2.37
C ARG A 350 5.15 3.17 -1.81
N LEU A 351 5.90 4.11 -2.36
CA LEU A 351 5.80 5.49 -1.95
C LEU A 351 4.37 5.98 -2.14
N ALA A 352 3.76 5.62 -3.28
CA ALA A 352 2.40 6.07 -3.53
C ALA A 352 1.40 5.45 -2.55
N ASP A 353 1.55 4.16 -2.26
CA ASP A 353 0.63 3.55 -1.31
C ASP A 353 0.90 4.04 0.11
N MET A 354 1.96 4.79 0.31
CA MET A 354 2.22 5.35 1.64
C MET A 354 1.54 6.73 1.73
N GLY A 355 0.91 7.15 0.63
CA GLY A 355 0.21 8.42 0.61
C GLY A 355 0.87 9.61 -0.07
N PHE A 356 2.03 9.45 -0.70
CA PHE A 356 2.67 10.61 -1.36
C PHE A 356 2.49 10.69 -2.89
N ASP A 357 2.46 11.90 -3.42
CA ASP A 357 2.36 12.09 -4.88
C ASP A 357 3.70 11.61 -5.44
N VAL A 358 3.63 10.63 -6.33
CA VAL A 358 4.84 10.11 -6.91
C VAL A 358 4.77 10.18 -8.40
N HIS A 359 5.86 10.62 -9.01
CA HIS A 359 5.98 10.70 -10.46
C HIS A 359 7.12 9.78 -10.91
N LEU A 360 6.77 8.63 -11.45
CA LEU A 360 7.74 7.68 -11.93
C LEU A 360 8.08 8.00 -13.37
N THR A 361 9.36 7.88 -13.74
CA THR A 361 9.75 8.12 -15.13
C THR A 361 10.51 6.90 -15.62
N THR A 362 10.06 6.31 -16.71
CA THR A 362 10.76 5.15 -17.24
C THR A 362 11.27 5.38 -18.65
N SER A 363 12.14 4.49 -19.09
CA SER A 363 12.71 4.59 -20.42
C SER A 363 12.51 3.24 -21.09
N ASP A 364 11.40 2.60 -20.76
CA ASP A 364 11.08 1.28 -21.28
C ASP A 364 9.59 0.99 -21.00
N PRO A 365 8.87 0.40 -21.97
CA PRO A 365 7.44 0.08 -21.79
C PRO A 365 7.09 -0.95 -20.72
N ALA A 366 6.32 -0.52 -19.71
CA ALA A 366 5.89 -1.39 -18.62
C ALA A 366 4.37 -1.50 -18.61
N ALA A 367 3.72 -0.69 -17.76
CA ALA A 367 2.27 -0.71 -17.66
C ALA A 367 1.73 0.20 -16.55
N HIS A 368 0.45 0.56 -16.66
CA HIS A 368 -0.23 1.41 -15.68
C HIS A 368 0.23 2.85 -15.68
N LEU A 377 -2.33 4.11 -6.94
CA LEU A 377 -3.49 4.37 -7.79
C LEU A 377 -3.40 5.76 -8.42
N ASN A 378 -4.45 6.58 -8.28
CA ASN A 378 -4.44 7.92 -8.88
C ASN A 378 -3.46 8.88 -8.20
N ASN A 379 -2.65 8.31 -7.31
CA ASN A 379 -1.66 9.04 -6.53
C ASN A 379 -0.30 8.99 -7.25
N LEU A 380 -0.21 8.07 -8.20
CA LEU A 380 1.00 7.84 -8.98
C LEU A 380 0.79 8.11 -10.47
N GLN A 381 1.62 8.96 -11.04
CA GLN A 381 1.53 9.24 -12.47
C GLN A 381 2.80 8.73 -13.13
N VAL A 382 2.69 8.13 -14.31
CA VAL A 382 3.86 7.60 -14.99
C VAL A 382 4.20 8.25 -16.32
N SER A 383 5.47 8.63 -16.49
CA SER A 383 5.95 9.23 -17.74
C SER A 383 6.88 8.27 -18.46
N ARG A 384 6.48 7.88 -19.67
CA ARG A 384 7.27 6.96 -20.47
C ARG A 384 7.97 7.77 -21.55
N ILE A 385 9.29 7.69 -21.60
CA ILE A 385 10.01 8.41 -22.63
C ILE A 385 10.62 7.37 -23.55
N ASP A 386 10.67 7.68 -24.83
CA ASP A 386 11.24 6.77 -25.81
C ASP A 386 12.68 7.23 -26.02
N PRO A 387 13.66 6.44 -25.56
CA PRO A 387 15.05 6.84 -25.75
C PRO A 387 15.41 7.00 -27.23
N HIS A 388 14.81 6.15 -28.05
CA HIS A 388 15.07 6.19 -29.48
C HIS A 388 14.82 7.57 -30.06
N GLU A 389 13.65 8.14 -29.80
CA GLU A 389 13.40 9.46 -30.35
C GLU A 389 14.15 10.54 -29.59
N GLU A 390 14.39 10.33 -28.32
CA GLU A 390 15.15 11.32 -27.57
C GLU A 390 16.55 11.36 -28.14
N THR A 391 17.13 10.19 -28.35
CA THR A 391 18.48 10.11 -28.88
C THR A 391 18.55 10.80 -30.23
N GLU A 392 17.56 10.56 -31.09
CA GLU A 392 17.53 11.16 -32.42
C GLU A 392 17.40 12.68 -32.47
N ARG A 393 16.70 13.24 -31.48
CA ARG A 393 16.53 14.68 -31.40
C ARG A 393 17.88 15.25 -31.05
N TYR A 394 18.54 14.56 -30.13
CA TYR A 394 19.84 14.97 -29.65
C TYR A 394 20.87 14.87 -30.77
N ARG A 395 20.93 13.73 -31.43
CA ARG A 395 21.88 13.51 -32.53
C ARG A 395 21.67 14.60 -33.55
N GLN A 396 20.41 14.78 -33.94
CA GLN A 396 20.05 15.79 -34.92
C GLN A 396 20.60 17.13 -34.45
N HIS A 397 20.29 17.51 -33.21
CA HIS A 397 20.76 18.77 -32.66
C HIS A 397 22.29 18.96 -32.72
N VAL A 398 23.05 17.89 -32.49
CA VAL A 398 24.50 17.98 -32.53
C VAL A 398 25.04 18.03 -33.97
N LEU A 399 24.23 17.66 -34.96
CA LEU A 399 24.65 17.68 -36.36
C LEU A 399 24.52 19.04 -37.03
N GLU A 400 23.80 19.96 -36.39
CA GLU A 400 23.63 21.32 -36.90
C GLU A 400 24.76 22.15 -36.27
N THR A 401 24.96 21.90 -34.98
CA THR A 401 25.99 22.57 -34.21
C THR A 401 27.37 22.31 -34.77
N LYS A 402 27.82 21.06 -34.63
CA LYS A 402 29.15 20.63 -35.04
C LYS A 402 29.38 20.16 -36.47
N GLY A 403 28.44 19.41 -37.04
CA GLY A 403 28.63 18.92 -38.39
C GLY A 403 28.82 20.02 -39.43
N LYS A 404 28.36 21.22 -39.09
CA LYS A 404 28.45 22.40 -39.94
C LYS A 404 29.53 22.38 -41.04
N GLU A 405 30.80 22.58 -40.66
CA GLU A 405 31.87 22.61 -41.64
C GLU A 405 32.57 21.27 -41.90
N LEU A 406 32.16 20.21 -41.22
CA LEU A 406 32.80 18.91 -41.45
C LEU A 406 32.50 18.43 -42.86
N ASP A 407 33.34 17.53 -43.37
CA ASP A 407 33.09 17.00 -44.70
C ASP A 407 32.25 15.73 -44.52
N GLU A 408 31.77 15.11 -45.59
CA GLU A 408 30.94 13.93 -45.43
C GLU A 408 31.56 12.80 -44.58
N ALA A 409 32.85 12.55 -44.80
CA ALA A 409 33.53 11.50 -44.05
C ALA A 409 33.56 11.81 -42.56
N GLY A 410 33.76 13.09 -42.22
CA GLY A 410 33.78 13.51 -40.83
C GLY A 410 32.39 13.45 -40.17
N LYS A 411 31.36 13.80 -40.92
CA LYS A 411 30.02 13.75 -40.38
C LYS A 411 29.73 12.29 -39.97
N ARG A 412 30.21 11.34 -40.78
CA ARG A 412 30.01 9.92 -40.48
C ARG A 412 30.77 9.56 -39.20
N LEU A 413 31.94 10.16 -38.98
CA LEU A 413 32.69 9.90 -37.77
C LEU A 413 31.85 10.45 -36.59
N LEU A 414 31.32 11.66 -36.77
CA LEU A 414 30.50 12.31 -35.75
C LEU A 414 29.20 11.50 -35.47
N GLU A 415 28.62 10.90 -36.49
CA GLU A 415 27.40 10.12 -36.32
C GLU A 415 27.72 8.79 -35.63
N GLU A 416 28.95 8.32 -35.75
CA GLU A 416 29.31 7.08 -35.11
C GLU A 416 29.62 7.34 -33.63
N ASP A 417 30.10 8.54 -33.33
CA ASP A 417 30.39 8.90 -31.94
C ASP A 417 29.04 9.04 -31.27
N LEU A 418 28.04 9.54 -32.00
CA LEU A 418 26.69 9.72 -31.46
C LEU A 418 25.90 8.40 -31.47
N ARG A 419 26.65 7.31 -31.62
CA ARG A 419 26.11 5.95 -31.66
C ARG A 419 26.64 5.32 -30.36
N SER A 420 27.33 6.14 -29.56
CA SER A 420 27.90 5.71 -28.28
C SER A 420 26.82 5.40 -27.22
N PRO A 421 27.18 4.56 -26.24
CA PRO A 421 26.25 4.20 -25.18
C PRO A 421 25.74 5.47 -24.47
N CYS A 422 26.67 6.37 -24.21
CA CYS A 422 26.34 7.59 -23.50
C CYS A 422 25.46 8.60 -24.23
N THR A 423 25.30 8.42 -25.53
CA THR A 423 24.46 9.33 -26.30
C THR A 423 23.02 9.17 -25.84
N GLU A 424 22.58 7.92 -25.70
CA GLU A 424 21.22 7.63 -25.22
C GLU A 424 21.14 8.11 -23.77
N GLU A 425 22.17 7.77 -23.02
CA GLU A 425 22.35 8.12 -21.62
C GLU A 425 22.10 9.62 -21.43
N ILE A 426 22.78 10.44 -22.23
CA ILE A 426 22.63 11.89 -22.16
C ILE A 426 21.24 12.35 -22.62
N ALA A 427 20.81 11.87 -23.78
CA ALA A 427 19.50 12.23 -24.33
C ALA A 427 18.36 11.92 -23.37
N VAL A 428 18.35 10.71 -22.81
CA VAL A 428 17.31 10.32 -21.87
C VAL A 428 17.35 11.21 -20.61
N PHE A 429 18.55 11.48 -20.10
CA PHE A 429 18.66 12.31 -18.91
C PHE A 429 18.14 13.75 -19.15
N GLN A 430 18.22 14.23 -20.38
CA GLN A 430 17.74 15.56 -20.68
C GLN A 430 16.22 15.55 -20.80
N ALA A 431 15.67 14.38 -21.13
CA ALA A 431 14.24 14.23 -21.25
C ALA A 431 13.69 14.18 -19.83
N PHE A 432 14.35 13.41 -18.97
CA PHE A 432 13.95 13.27 -17.58
C PHE A 432 13.98 14.65 -16.93
N SER A 433 15.08 15.36 -17.13
CA SER A 433 15.23 16.69 -16.57
C SER A 433 14.00 17.55 -16.78
N ARG A 434 13.23 17.22 -17.82
CA ARG A 434 12.01 17.97 -18.12
C ARG A 434 11.07 17.99 -16.91
N VAL A 435 11.10 16.92 -16.12
CA VAL A 435 10.26 16.81 -14.92
C VAL A 435 10.99 17.00 -13.61
N ILE A 436 12.32 16.86 -13.63
CA ILE A 436 13.12 17.03 -12.41
C ILE A 436 12.66 18.24 -11.60
N ARG A 437 11.99 19.17 -12.26
CA ARG A 437 11.50 20.39 -11.61
C ARG A 437 10.61 20.09 -10.40
N GLU A 438 9.74 19.09 -10.53
CA GLU A 438 8.80 18.72 -9.46
C GLU A 438 9.37 18.01 -8.24
N ALA A 439 10.66 17.69 -8.26
CA ALA A 439 11.29 17.00 -7.14
C ALA A 439 11.02 17.78 -5.83
N GLY A 440 10.58 19.03 -5.99
CA GLY A 440 10.29 19.87 -4.85
C GLY A 440 9.00 19.57 -4.12
N LYS A 441 7.88 19.50 -4.84
CA LYS A 441 6.59 19.21 -4.22
C LYS A 441 6.43 17.74 -3.84
N ARG A 442 6.93 16.84 -4.68
CA ARG A 442 6.78 15.41 -4.47
C ARG A 442 8.01 14.55 -4.63
N PHE A 443 7.79 13.31 -5.03
CA PHE A 443 8.85 12.37 -5.26
C PHE A 443 8.90 12.14 -6.77
N VAL A 444 10.11 12.04 -7.30
CA VAL A 444 10.33 11.78 -8.69
C VAL A 444 11.25 10.59 -8.69
N VAL A 445 10.84 9.52 -9.35
CA VAL A 445 11.65 8.32 -9.40
C VAL A 445 12.07 8.09 -10.85
N MET A 446 13.37 7.88 -11.08
CA MET A 446 13.91 7.64 -12.44
C MET A 446 14.60 6.29 -12.45
N ASP A 447 14.54 5.57 -13.56
CA ASP A 447 15.17 4.24 -13.61
C ASP A 447 16.51 4.17 -14.27
N THR A 448 17.08 5.32 -14.62
CA THR A 448 18.41 5.32 -15.19
C THR A 448 19.06 6.71 -15.17
N ALA A 449 20.38 6.73 -15.11
CA ALA A 449 21.12 7.99 -15.07
C ALA A 449 22.46 7.89 -15.78
N PRO A 450 23.02 9.05 -16.17
CA PRO A 450 24.32 9.08 -16.85
C PRO A 450 25.41 8.75 -15.82
N THR A 451 26.60 8.43 -16.31
CA THR A 451 27.72 8.12 -15.42
C THR A 451 28.34 9.38 -14.84
N GLY A 452 29.17 9.22 -13.80
CA GLY A 452 29.83 10.36 -13.20
C GLY A 452 30.61 11.14 -14.26
N HIS A 453 31.36 10.41 -15.07
CA HIS A 453 32.15 11.01 -16.15
C HIS A 453 31.23 11.86 -17.03
N THR A 454 30.14 11.28 -17.50
CA THR A 454 29.22 12.00 -18.35
C THR A 454 28.58 13.18 -17.62
N LEU A 455 28.22 13.02 -16.35
CA LEU A 455 27.66 14.16 -15.62
C LEU A 455 28.66 15.33 -15.62
N LEU A 456 29.94 15.02 -15.36
CA LEU A 456 31.01 16.00 -15.34
C LEU A 456 31.14 16.71 -16.70
N LEU A 457 31.09 15.94 -17.78
CA LEU A 457 31.18 16.51 -19.11
C LEU A 457 30.03 17.50 -19.34
N LEU A 458 28.81 17.07 -19.00
CA LEU A 458 27.63 17.91 -19.18
C LEU A 458 27.67 19.15 -18.30
N ASP A 459 28.33 19.04 -17.16
CA ASP A 459 28.45 20.14 -16.22
C ASP A 459 29.34 21.24 -16.80
N ALA A 460 30.39 20.84 -17.49
CA ALA A 460 31.33 21.78 -18.10
C ALA A 460 30.70 22.59 -19.24
N THR A 461 29.64 22.04 -19.85
CA THR A 461 28.95 22.73 -20.94
C THR A 461 28.32 24.02 -20.43
N THR A 480 20.59 19.83 -16.83
CA THR A 480 21.90 20.17 -16.29
C THR A 480 21.87 20.68 -14.81
N PRO A 481 21.12 19.98 -13.93
CA PRO A 481 20.98 20.33 -12.51
C PRO A 481 22.06 19.75 -11.57
N MET A 482 23.30 19.74 -12.00
CA MET A 482 24.37 19.18 -11.19
C MET A 482 24.26 19.50 -9.69
N MET A 483 23.95 20.74 -9.36
CA MET A 483 23.83 21.13 -7.97
C MET A 483 22.75 20.32 -7.25
N LEU A 484 21.59 20.18 -7.87
CA LEU A 484 20.49 19.42 -7.29
C LEU A 484 20.93 17.97 -7.03
N LEU A 485 21.55 17.35 -8.03
CA LEU A 485 22.01 15.98 -7.93
C LEU A 485 23.00 15.74 -6.77
N GLN A 486 23.90 16.69 -6.57
CA GLN A 486 24.90 16.59 -5.52
C GLN A 486 24.35 16.82 -4.11
N ASP A 487 23.21 17.47 -4.00
CA ASP A 487 22.59 17.76 -2.71
C ASP A 487 21.95 16.52 -2.12
N PRO A 488 22.47 16.02 -0.99
CA PRO A 488 22.00 14.81 -0.29
C PRO A 488 20.56 14.87 0.24
N GLU A 489 20.05 16.07 0.44
CA GLU A 489 18.69 16.24 0.92
C GLU A 489 17.73 16.06 -0.25
N ARG A 490 18.05 16.76 -1.34
CA ARG A 490 17.27 16.76 -2.57
C ARG A 490 17.30 15.47 -3.39
N THR A 491 18.48 14.93 -3.61
CA THR A 491 18.61 13.73 -4.42
C THR A 491 19.08 12.52 -3.62
N LYS A 492 18.60 11.34 -3.99
CA LYS A 492 19.00 10.12 -3.32
C LYS A 492 19.26 9.16 -4.42
N VAL A 493 20.54 8.92 -4.68
CA VAL A 493 20.92 8.01 -5.75
C VAL A 493 21.04 6.58 -5.23
N LEU A 494 20.33 5.65 -5.86
CA LEU A 494 20.38 4.26 -5.46
C LEU A 494 21.11 3.44 -6.53
N LEU A 495 21.96 2.53 -6.07
CA LEU A 495 22.71 1.70 -6.98
C LEU A 495 22.19 0.27 -6.89
N VAL A 496 21.64 -0.21 -8.00
CA VAL A 496 21.11 -1.56 -8.07
C VAL A 496 22.18 -2.49 -8.61
N THR A 497 22.36 -3.65 -7.98
CA THR A 497 23.35 -4.63 -8.41
C THR A 497 22.86 -6.03 -8.07
N LEU A 498 23.68 -7.01 -8.39
CA LEU A 498 23.33 -8.40 -8.12
C LEU A 498 24.34 -8.93 -7.09
N PRO A 499 23.93 -9.98 -6.34
CA PRO A 499 24.75 -10.63 -5.30
C PRO A 499 25.92 -11.43 -5.86
N GLU A 500 26.38 -11.05 -7.04
CA GLU A 500 27.45 -11.75 -7.72
C GLU A 500 28.72 -10.91 -7.74
N THR A 501 29.86 -11.60 -7.84
CA THR A 501 31.19 -10.98 -7.84
C THR A 501 31.47 -9.86 -8.86
N THR A 502 31.12 -10.07 -10.12
CA THR A 502 31.39 -9.04 -11.11
C THR A 502 30.42 -7.87 -11.01
N PRO A 503 29.11 -8.15 -10.92
CA PRO A 503 28.17 -7.03 -10.81
C PRO A 503 28.44 -6.12 -9.62
N VAL A 504 29.02 -6.66 -8.55
CA VAL A 504 29.34 -5.81 -7.40
C VAL A 504 30.52 -4.87 -7.74
N LEU A 505 31.52 -5.41 -8.42
CA LEU A 505 32.69 -4.62 -8.80
C LEU A 505 32.32 -3.52 -9.81
N GLU A 506 31.49 -3.87 -10.79
CA GLU A 506 31.04 -2.91 -11.77
C GLU A 506 30.24 -1.79 -11.08
N ALA A 507 29.48 -2.17 -10.06
CA ALA A 507 28.68 -1.20 -9.30
C ALA A 507 29.60 -0.32 -8.45
N ALA A 508 30.59 -0.93 -7.81
CA ALA A 508 31.52 -0.16 -7.02
C ALA A 508 32.19 0.90 -7.89
N ASN A 509 32.58 0.49 -9.10
CA ASN A 509 33.22 1.39 -10.04
C ASN A 509 32.31 2.52 -10.51
N LEU A 510 31.02 2.24 -10.63
CA LEU A 510 30.08 3.26 -11.01
C LEU A 510 30.02 4.28 -9.87
N GLN A 511 29.94 3.79 -8.64
CA GLN A 511 29.88 4.68 -7.48
C GLN A 511 31.15 5.52 -7.48
N ALA A 512 32.31 4.89 -7.64
CA ALA A 512 33.55 5.66 -7.66
C ALA A 512 33.46 6.78 -8.72
N ASP A 513 32.87 6.49 -9.87
CA ASP A 513 32.79 7.51 -10.90
C ASP A 513 31.84 8.63 -10.51
N LEU A 514 30.71 8.24 -9.94
CA LEU A 514 29.71 9.20 -9.51
C LEU A 514 30.29 10.08 -8.43
N GLU A 515 31.12 9.49 -7.58
CA GLU A 515 31.75 10.23 -6.50
C GLU A 515 32.70 11.31 -7.01
N ARG A 516 33.42 11.07 -8.10
CA ARG A 516 34.30 12.10 -8.66
C ARG A 516 33.42 13.30 -9.08
N ALA A 517 32.16 13.02 -9.39
CA ALA A 517 31.25 14.09 -9.80
C ALA A 517 30.56 14.68 -8.56
N GLY A 518 31.04 14.27 -7.39
CA GLY A 518 30.46 14.78 -6.16
C GLY A 518 29.14 14.17 -5.76
N ILE A 519 28.73 13.08 -6.40
CA ILE A 519 27.46 12.46 -6.03
C ILE A 519 27.78 11.19 -5.25
N HIS A 520 27.17 11.05 -4.08
CA HIS A 520 27.43 9.88 -3.25
C HIS A 520 26.14 9.09 -3.11
N PRO A 521 26.11 7.90 -3.71
CA PRO A 521 24.93 7.04 -3.66
C PRO A 521 24.43 6.95 -2.24
N TRP A 522 23.12 7.11 -2.09
CA TRP A 522 22.49 7.07 -0.78
C TRP A 522 22.30 5.64 -0.25
N GLY A 523 22.22 4.67 -1.14
CA GLY A 523 22.05 3.30 -0.68
C GLY A 523 22.20 2.32 -1.82
N TRP A 524 22.27 1.03 -1.50
CA TRP A 524 22.40 0.02 -2.55
C TRP A 524 21.28 -1.02 -2.44
N ILE A 525 20.80 -1.47 -3.60
CA ILE A 525 19.78 -2.51 -3.68
C ILE A 525 20.36 -3.77 -4.34
N ILE A 526 20.41 -4.87 -3.60
CA ILE A 526 20.91 -6.14 -4.13
C ILE A 526 19.67 -6.93 -4.58
N ASN A 527 19.58 -7.15 -5.90
CA ASN A 527 18.46 -7.82 -6.54
C ASN A 527 18.66 -9.30 -6.88
N ASN A 528 17.55 -9.98 -7.18
CA ASN A 528 17.60 -11.40 -7.51
C ASN A 528 18.36 -12.19 -6.48
N SER A 529 18.00 -12.06 -5.21
CA SER A 529 18.72 -12.82 -4.20
C SER A 529 18.03 -14.13 -3.86
N LEU A 530 18.82 -15.20 -3.85
CA LEU A 530 18.33 -16.54 -3.53
C LEU A 530 18.37 -16.78 -2.01
N SER A 531 19.24 -16.04 -1.32
CA SER A 531 19.34 -16.21 0.11
C SER A 531 17.96 -15.96 0.70
N ILE A 532 17.48 -14.74 0.52
CA ILE A 532 16.18 -14.33 1.03
C ILE A 532 15.02 -15.00 0.26
N ALA A 533 15.35 -16.04 -0.51
CA ALA A 533 14.35 -16.77 -1.31
C ALA A 533 13.82 -18.03 -0.63
N ASP A 534 12.54 -18.29 -0.85
CA ASP A 534 11.84 -19.45 -0.29
C ASP A 534 12.13 -20.69 -1.12
N THR A 535 13.20 -21.41 -0.78
CA THR A 535 13.56 -22.58 -1.57
C THR A 535 14.11 -23.78 -0.81
N ARG A 536 13.56 -24.95 -1.15
CA ARG A 536 13.98 -26.22 -0.55
C ARG A 536 14.88 -26.92 -1.55
N SER A 537 14.99 -26.33 -2.74
CA SER A 537 15.82 -26.85 -3.82
C SER A 537 17.28 -26.79 -3.38
N PRO A 538 17.92 -27.96 -3.28
CA PRO A 538 19.32 -28.10 -2.86
C PRO A 538 20.33 -27.26 -3.62
N LEU A 539 20.17 -27.19 -4.95
CA LEU A 539 21.08 -26.41 -5.79
C LEU A 539 20.93 -24.92 -5.54
N LEU A 540 19.69 -24.45 -5.45
CA LEU A 540 19.44 -23.05 -5.21
C LEU A 540 19.93 -22.66 -3.83
N ARG A 541 19.90 -23.62 -2.91
CA ARG A 541 20.35 -23.35 -1.55
C ARG A 541 21.86 -23.27 -1.56
N MET A 542 22.48 -24.08 -2.40
CA MET A 542 23.93 -24.09 -2.50
C MET A 542 24.29 -22.78 -3.20
N ARG A 543 23.44 -22.38 -4.15
CA ARG A 543 23.66 -21.15 -4.87
C ARG A 543 23.50 -19.96 -3.93
N ALA A 544 22.43 -19.94 -3.16
CA ALA A 544 22.18 -18.85 -2.23
C ALA A 544 23.39 -18.68 -1.29
N GLN A 545 24.04 -19.79 -0.96
CA GLN A 545 25.20 -19.76 -0.07
C GLN A 545 26.43 -19.13 -0.74
N GLN A 546 26.43 -19.11 -2.07
CA GLN A 546 27.53 -18.52 -2.81
C GLN A 546 27.51 -17.00 -2.71
N GLU A 547 26.32 -16.45 -2.52
CA GLU A 547 26.13 -15.00 -2.44
C GLU A 547 26.67 -14.30 -1.20
N LEU A 548 26.71 -15.03 -0.09
CA LEU A 548 27.11 -14.45 1.19
C LEU A 548 28.25 -13.44 1.25
N PRO A 549 29.41 -13.76 0.66
CA PRO A 549 30.53 -12.80 0.72
C PRO A 549 30.27 -11.56 -0.16
N GLN A 550 29.52 -11.77 -1.25
CA GLN A 550 29.20 -10.67 -2.13
C GLN A 550 28.32 -9.71 -1.35
N ILE A 551 27.20 -10.21 -0.83
CA ILE A 551 26.28 -9.40 -0.05
C ILE A 551 27.02 -8.79 1.13
N GLU A 552 27.93 -9.56 1.73
CA GLU A 552 28.69 -9.06 2.87
C GLU A 552 29.58 -7.91 2.42
N SER A 553 30.22 -8.05 1.28
CA SER A 553 31.07 -6.98 0.76
C SER A 553 30.28 -5.68 0.68
N VAL A 554 29.13 -5.74 0.01
CA VAL A 554 28.29 -4.56 -0.15
C VAL A 554 28.00 -3.86 1.18
N LYS A 555 27.62 -4.61 2.19
CA LYS A 555 27.31 -3.98 3.47
C LYS A 555 28.53 -3.51 4.24
N ARG A 556 29.62 -4.26 4.14
CA ARG A 556 30.82 -3.92 4.90
C ARG A 556 31.75 -2.94 4.23
N GLN A 557 31.69 -2.86 2.91
CA GLN A 557 32.64 -2.01 2.23
C GLN A 557 32.12 -1.09 1.13
N HIS A 558 30.89 -1.29 0.68
CA HIS A 558 30.38 -0.46 -0.40
C HIS A 558 29.23 0.50 -0.17
N ALA A 559 28.22 0.09 0.58
CA ALA A 559 27.05 0.94 0.79
C ALA A 559 26.74 1.46 2.18
N SER A 560 26.26 2.71 2.24
CA SER A 560 25.86 3.30 3.51
C SER A 560 24.64 2.52 3.99
N ARG A 561 23.74 2.18 3.05
CA ARG A 561 22.52 1.43 3.33
C ARG A 561 22.35 0.33 2.26
N VAL A 562 21.70 -0.76 2.62
CA VAL A 562 21.50 -1.88 1.72
C VAL A 562 20.09 -2.42 1.76
N ALA A 563 19.65 -2.96 0.64
CA ALA A 563 18.32 -3.57 0.53
C ALA A 563 18.50 -4.92 -0.14
N LEU A 564 17.80 -5.93 0.36
CA LEU A 564 17.91 -7.27 -0.20
C LEU A 564 16.58 -7.65 -0.84
N VAL A 565 16.59 -7.86 -2.16
CA VAL A 565 15.38 -8.24 -2.85
C VAL A 565 15.55 -9.70 -3.28
N PRO A 566 14.44 -10.47 -3.34
CA PRO A 566 14.57 -11.87 -3.73
C PRO A 566 14.29 -12.15 -5.18
N VAL A 567 14.78 -13.31 -5.64
CA VAL A 567 14.54 -13.82 -6.98
C VAL A 567 13.07 -14.16 -6.89
N LEU A 568 12.20 -13.34 -7.49
CA LEU A 568 10.77 -13.57 -7.39
C LEU A 568 10.25 -14.90 -7.91
N ALA A 569 10.71 -15.34 -9.08
CA ALA A 569 10.19 -16.59 -9.64
C ALA A 569 8.75 -16.26 -10.04
N SER A 570 8.67 -15.33 -10.99
CA SER A 570 7.46 -14.78 -11.57
C SER A 570 7.90 -13.38 -11.98
N GLU A 571 7.62 -12.98 -13.22
CA GLU A 571 8.04 -11.65 -13.67
C GLU A 571 7.26 -10.55 -13.00
N PRO A 572 7.96 -9.69 -12.23
CA PRO A 572 7.36 -8.57 -11.51
C PRO A 572 6.70 -7.61 -12.48
N THR A 573 5.79 -8.14 -13.28
CA THR A 573 5.07 -7.39 -14.28
C THR A 573 3.84 -6.73 -13.67
N GLY A 574 3.11 -7.48 -12.86
CA GLY A 574 1.93 -6.91 -12.24
C GLY A 574 2.32 -6.22 -10.95
N ILE A 575 1.69 -5.10 -10.65
CA ILE A 575 2.03 -4.40 -9.42
C ILE A 575 1.83 -5.34 -8.22
N ASP A 576 1.23 -6.50 -8.48
CA ASP A 576 1.01 -7.50 -7.44
C ASP A 576 2.38 -8.03 -7.04
N LYS A 577 3.03 -8.69 -7.99
CA LYS A 577 4.34 -9.26 -7.75
C LYS A 577 5.35 -8.15 -7.51
N LEU A 578 5.02 -6.94 -7.94
CA LEU A 578 5.90 -5.80 -7.75
C LEU A 578 5.90 -5.43 -6.27
N LYS A 579 4.72 -5.53 -5.66
CA LYS A 579 4.55 -5.24 -4.23
C LYS A 579 5.18 -6.33 -3.38
N GLN A 580 5.32 -7.52 -3.96
CA GLN A 580 5.94 -8.66 -3.26
C GLN A 580 7.44 -8.48 -3.05
N LEU A 581 8.11 -7.81 -3.99
CA LEU A 581 9.55 -7.59 -3.89
C LEU A 581 9.95 -6.84 -2.63
N ALA A 582 9.11 -5.88 -2.26
CA ALA A 582 9.36 -5.01 -1.13
C ALA A 582 9.41 -5.63 0.25
N GLY A 583 8.58 -6.63 0.53
CA GLY A 583 8.60 -7.23 1.85
C GLY A 583 7.84 -6.35 2.82
N HIS A 584 8.31 -6.26 4.07
CA HIS A 584 7.62 -5.41 5.03
C HIS A 584 8.54 -4.84 6.07
N HIS A 585 8.20 -3.63 6.49
CA HIS A 585 8.95 -2.85 7.46
C HIS A 585 8.11 -2.55 8.68
N HIS A 586 8.45 -3.16 9.81
CA HIS A 586 7.73 -2.91 11.04
C HIS A 586 7.92 -1.46 11.48
N HIS A 587 6.81 -0.79 11.79
CA HIS A 587 6.84 0.59 12.22
C HIS A 587 7.50 0.69 13.61
N HIS A 588 8.30 1.74 13.80
CA HIS A 588 8.98 2.00 15.05
C HIS A 588 9.14 3.49 15.23
N HIS A 589 9.68 3.88 16.38
CA HIS A 589 9.86 5.29 16.68
C HIS A 589 11.33 5.76 16.71
N MET B 1 -43.79 24.08 7.65
CA MET B 1 -43.44 22.69 8.09
C MET B 1 -44.68 21.82 8.35
N GLN B 2 -44.86 20.78 7.54
CA GLN B 2 -45.99 19.87 7.67
C GLN B 2 -46.11 19.24 9.07
N PHE B 3 -45.06 18.53 9.49
CA PHE B 3 -45.01 17.86 10.78
C PHE B 3 -45.43 18.80 11.91
N LEU B 4 -45.40 20.09 11.63
CA LEU B 4 -45.79 21.13 12.59
C LEU B 4 -47.30 21.43 12.56
N GLN B 5 -48.00 20.96 11.53
CA GLN B 5 -49.43 21.20 11.41
C GLN B 5 -50.29 20.11 12.06
N ASN B 6 -51.33 20.52 12.79
CA ASN B 6 -52.26 19.58 13.40
C ASN B 6 -51.68 18.47 14.24
N ILE B 7 -50.67 18.80 15.03
CA ILE B 7 -50.05 17.83 15.88
C ILE B 7 -51.08 17.32 16.90
N PRO B 8 -51.27 16.00 16.99
CA PRO B 8 -52.25 15.49 17.95
C PRO B 8 -51.62 15.67 19.33
N PRO B 9 -52.36 15.32 20.39
CA PRO B 9 -51.85 15.45 21.76
C PRO B 9 -50.51 14.77 22.05
N TYR B 10 -50.19 13.69 21.34
CA TYR B 10 -48.92 13.02 21.54
C TYR B 10 -48.01 13.10 20.31
N LEU B 11 -46.78 13.59 20.50
CA LEU B 11 -45.81 13.71 19.41
C LEU B 11 -44.50 12.98 19.78
N PHE B 12 -44.06 12.08 18.90
CA PHE B 12 -42.83 11.29 19.08
C PHE B 12 -41.82 11.45 17.96
N PHE B 13 -40.55 11.67 18.33
CA PHE B 13 -39.46 11.82 17.35
C PHE B 13 -38.52 10.64 17.42
N THR B 14 -38.24 10.03 16.27
CA THR B 14 -37.35 8.87 16.24
C THR B 14 -36.25 8.94 15.17
N GLY B 15 -35.08 8.39 15.51
CA GLY B 15 -33.94 8.40 14.61
C GLY B 15 -32.64 8.06 15.32
N LYS B 16 -31.62 7.65 14.57
CA LYS B 16 -30.35 7.29 15.19
C LYS B 16 -29.77 8.40 16.06
N GLY B 17 -29.00 8.01 17.08
CA GLY B 17 -28.41 8.97 17.99
C GLY B 17 -27.69 10.08 17.26
N GLY B 18 -28.10 11.30 17.56
CA GLY B 18 -27.48 12.47 16.95
C GLY B 18 -28.07 13.01 15.67
N VAL B 19 -29.24 12.51 15.25
CA VAL B 19 -29.86 13.03 14.03
C VAL B 19 -30.52 14.39 14.21
N GLY B 20 -30.86 14.73 15.45
CA GLY B 20 -31.49 16.01 15.73
C GLY B 20 -32.78 15.99 16.55
N LYS B 21 -33.25 14.79 16.88
CA LYS B 21 -34.48 14.62 17.66
C LYS B 21 -34.70 15.60 18.80
N THR B 22 -33.82 15.58 19.79
CA THR B 22 -33.97 16.47 20.93
C THR B 22 -34.02 17.94 20.54
N SER B 23 -33.26 18.32 19.52
CA SER B 23 -33.25 19.71 19.06
C SER B 23 -34.63 20.10 18.52
N ILE B 24 -35.08 19.34 17.53
CA ILE B 24 -36.37 19.55 16.90
C ILE B 24 -37.47 19.50 17.97
N SER B 25 -37.40 18.50 18.84
CA SER B 25 -38.39 18.34 19.89
C SER B 25 -38.45 19.62 20.72
N CYS B 26 -37.29 20.24 20.93
CA CYS B 26 -37.20 21.47 21.70
C CYS B 26 -37.74 22.68 20.95
N ALA B 27 -37.36 22.83 19.68
CA ALA B 27 -37.85 23.95 18.88
C ALA B 27 -39.36 23.84 18.80
N THR B 28 -39.85 22.68 18.37
CA THR B 28 -41.29 22.42 18.24
C THR B 28 -42.03 22.76 19.54
N ALA B 29 -41.50 22.30 20.67
CA ALA B 29 -42.11 22.57 21.95
C ALA B 29 -42.27 24.07 22.19
N ILE B 30 -41.36 24.84 21.62
CA ILE B 30 -41.37 26.29 21.76
C ILE B 30 -42.39 26.90 20.82
N ARG B 31 -42.34 26.45 19.57
CA ARG B 31 -43.25 26.93 18.56
C ARG B 31 -44.70 26.80 19.05
N LEU B 32 -45.03 25.68 19.69
CA LEU B 32 -46.39 25.51 20.15
C LEU B 32 -46.71 26.40 21.36
N ALA B 33 -45.76 26.53 22.28
CA ALA B 33 -45.95 27.34 23.49
C ALA B 33 -46.22 28.78 23.11
N GLU B 34 -45.65 29.19 22.00
CA GLU B 34 -45.84 30.54 21.55
C GLU B 34 -47.12 30.68 20.71
N GLN B 35 -47.86 29.59 20.57
CA GLN B 35 -49.12 29.61 19.83
C GLN B 35 -50.25 29.54 20.83
N GLY B 36 -49.90 29.65 22.10
CA GLY B 36 -50.88 29.61 23.16
C GLY B 36 -51.14 28.21 23.66
N LYS B 37 -50.48 27.24 23.05
CA LYS B 37 -50.65 25.85 23.47
C LYS B 37 -49.88 25.57 24.76
N ARG B 38 -50.43 24.66 25.56
CA ARG B 38 -49.78 24.24 26.81
C ARG B 38 -49.04 22.98 26.42
N VAL B 39 -47.73 22.98 26.58
CA VAL B 39 -46.93 21.84 26.18
C VAL B 39 -46.03 21.26 27.25
N LEU B 40 -45.93 19.93 27.24
CA LEU B 40 -45.07 19.21 28.16
C LEU B 40 -43.98 18.54 27.31
N LEU B 41 -42.74 18.98 27.48
CA LEU B 41 -41.62 18.41 26.74
C LEU B 41 -41.08 17.26 27.60
N VAL B 42 -41.14 16.04 27.09
CA VAL B 42 -40.63 14.91 27.85
C VAL B 42 -39.21 14.57 27.40
N SER B 43 -38.24 14.86 28.26
CA SER B 43 -36.83 14.58 27.98
C SER B 43 -36.58 13.12 28.30
N THR B 44 -35.97 12.40 27.37
CA THR B 44 -35.73 10.97 27.58
C THR B 44 -34.31 10.49 27.40
N ASP B 45 -33.40 11.38 27.03
CA ASP B 45 -32.03 10.95 26.79
C ASP B 45 -31.26 10.63 28.07
N PRO B 46 -30.34 9.64 28.00
CA PRO B 46 -29.51 9.19 29.12
C PRO B 46 -28.68 10.27 29.79
N ALA B 47 -28.40 11.34 29.05
CA ALA B 47 -27.63 12.44 29.62
C ALA B 47 -28.35 13.73 29.33
N SER B 48 -29.66 13.71 29.56
CA SER B 48 -30.53 14.87 29.32
C SER B 48 -29.79 16.21 29.39
N ASN B 49 -29.67 16.88 28.25
CA ASN B 49 -29.01 18.18 28.16
C ASN B 49 -30.06 19.24 27.97
N VAL B 50 -31.33 18.81 27.96
CA VAL B 50 -32.47 19.71 27.75
C VAL B 50 -32.57 20.85 28.76
N GLY B 51 -32.21 20.59 30.00
CA GLY B 51 -32.26 21.63 31.00
C GLY B 51 -31.41 22.80 30.55
N GLN B 52 -30.39 22.50 29.73
CA GLN B 52 -29.49 23.53 29.23
C GLN B 52 -30.05 24.36 28.08
N VAL B 53 -30.40 23.75 26.96
CA VAL B 53 -30.91 24.50 25.81
C VAL B 53 -31.88 25.58 26.28
N PHE B 54 -32.51 25.34 27.42
CA PHE B 54 -33.42 26.31 28.02
C PHE B 54 -32.57 26.90 29.15
N SER B 55 -33.08 26.89 30.37
CA SER B 55 -32.32 27.41 31.52
C SER B 55 -33.07 27.10 32.79
N GLN B 56 -33.06 25.83 33.17
CA GLN B 56 -33.75 25.36 34.35
C GLN B 56 -33.44 23.88 34.50
N THR B 57 -32.73 23.51 35.56
CA THR B 57 -32.44 22.11 35.74
C THR B 57 -33.76 21.34 35.72
N ILE B 58 -33.94 20.46 34.73
CA ILE B 58 -35.16 19.68 34.62
C ILE B 58 -35.00 18.44 35.49
N GLY B 59 -36.11 17.86 35.94
CA GLY B 59 -36.02 16.67 36.77
C GLY B 59 -37.10 15.61 36.59
N ASN B 60 -37.09 14.63 37.48
CA ASN B 60 -38.06 13.54 37.44
C ASN B 60 -39.43 14.03 37.82
N THR B 61 -39.55 15.32 38.08
CA THR B 61 -40.81 15.94 38.47
C THR B 61 -41.28 16.89 37.36
N ILE B 62 -42.58 16.91 37.07
CA ILE B 62 -43.11 17.80 36.03
C ILE B 62 -43.07 19.23 36.50
N GLN B 63 -42.23 20.03 35.86
CA GLN B 63 -42.08 21.43 36.22
C GLN B 63 -42.19 22.29 34.97
N ALA B 64 -42.82 23.45 35.12
CA ALA B 64 -42.97 24.38 34.02
C ALA B 64 -41.64 25.13 33.82
N ILE B 65 -41.20 25.24 32.58
CA ILE B 65 -39.96 25.96 32.28
C ILE B 65 -40.19 27.46 32.33
N ALA B 66 -39.47 28.13 33.22
CA ALA B 66 -39.60 29.59 33.39
C ALA B 66 -39.37 30.40 32.11
N SER B 67 -38.16 30.31 31.57
CA SER B 67 -37.77 31.05 30.37
C SER B 67 -38.77 31.07 29.20
N VAL B 68 -39.80 30.23 29.26
CA VAL B 68 -40.81 30.20 28.19
C VAL B 68 -42.16 29.83 28.80
N PRO B 69 -43.18 30.68 28.60
CA PRO B 69 -44.52 30.42 29.14
C PRO B 69 -45.33 29.44 28.31
N GLY B 70 -46.11 28.61 28.99
CA GLY B 70 -46.93 27.63 28.32
C GLY B 70 -46.19 26.32 28.16
N LEU B 71 -44.91 26.32 28.52
CA LEU B 71 -44.08 25.12 28.42
C LEU B 71 -43.82 24.48 29.77
N SER B 72 -43.54 23.19 29.74
CA SER B 72 -43.22 22.44 30.94
C SER B 72 -42.26 21.34 30.52
N ALA B 73 -41.47 20.86 31.47
CA ALA B 73 -40.53 19.80 31.17
C ALA B 73 -40.59 18.72 32.22
N LEU B 74 -40.18 17.53 31.81
CA LEU B 74 -40.15 16.34 32.65
C LEU B 74 -39.02 15.49 32.13
N GLU B 75 -38.18 15.00 33.04
CA GLU B 75 -37.06 14.17 32.63
C GLU B 75 -37.26 12.71 32.99
N ILE B 76 -37.29 11.85 31.99
CA ILE B 76 -37.41 10.44 32.24
C ILE B 76 -36.04 9.83 31.99
N ASP B 77 -35.49 9.15 32.99
CA ASP B 77 -34.17 8.54 32.82
C ASP B 77 -34.31 7.03 32.64
N PRO B 78 -34.08 6.55 31.41
CA PRO B 78 -34.17 5.11 31.09
C PRO B 78 -33.12 4.31 31.84
N GLN B 79 -31.97 4.93 32.06
CA GLN B 79 -30.87 4.31 32.78
C GLN B 79 -31.35 4.06 34.21
N ALA B 80 -31.81 5.14 34.84
CA ALA B 80 -32.32 5.04 36.19
C ALA B 80 -33.48 4.06 36.18
N ALA B 81 -34.31 4.14 35.14
CA ALA B 81 -35.47 3.27 34.98
C ALA B 81 -35.09 1.80 34.89
N ALA B 82 -33.96 1.50 34.25
CA ALA B 82 -33.51 0.12 34.15
C ALA B 82 -32.83 -0.29 35.46
N GLN B 83 -32.17 0.65 36.13
CA GLN B 83 -31.54 0.35 37.40
C GLN B 83 -32.58 -0.16 38.38
N GLN B 84 -33.77 0.41 38.33
CA GLN B 84 -34.83 -0.03 39.23
C GLN B 84 -35.36 -1.41 38.89
N TYR B 85 -35.40 -1.74 37.60
CA TYR B 85 -35.82 -3.07 37.18
C TYR B 85 -34.84 -4.02 37.83
N ARG B 86 -33.58 -3.76 37.54
CA ARG B 86 -32.45 -4.52 38.05
C ARG B 86 -32.49 -4.60 39.58
N ALA B 87 -32.57 -3.46 40.24
CA ALA B 87 -32.59 -3.44 41.70
C ALA B 87 -33.74 -4.27 42.27
N ARG B 88 -34.95 -4.00 41.81
CA ARG B 88 -36.13 -4.69 42.28
C ARG B 88 -36.01 -6.20 42.10
N ILE B 89 -35.36 -6.60 41.02
CA ILE B 89 -35.22 -8.03 40.73
C ILE B 89 -34.00 -8.69 41.32
N VAL B 90 -32.90 -7.94 41.37
CA VAL B 90 -31.66 -8.50 41.88
C VAL B 90 -31.46 -8.42 43.39
N ASP B 91 -31.81 -7.29 44.00
CA ASP B 91 -31.60 -7.09 45.43
C ASP B 91 -32.19 -8.13 46.37
N PRO B 92 -33.42 -8.58 46.10
CA PRO B 92 -34.00 -9.59 46.97
C PRO B 92 -33.12 -10.85 47.05
N ILE B 93 -32.30 -11.09 46.02
CA ILE B 93 -31.43 -12.27 46.05
C ILE B 93 -29.94 -12.04 46.28
N LYS B 94 -29.50 -10.79 46.43
CA LYS B 94 -28.09 -10.50 46.70
C LYS B 94 -27.69 -11.07 48.05
N GLY B 95 -26.61 -11.83 48.08
CA GLY B 95 -26.19 -12.41 49.34
C GLY B 95 -27.13 -13.52 49.78
N VAL B 96 -28.02 -13.94 48.91
CA VAL B 96 -28.93 -15.01 49.26
C VAL B 96 -28.65 -16.19 48.37
N LEU B 97 -28.26 -15.91 47.14
CA LEU B 97 -27.90 -16.97 46.19
C LEU B 97 -26.42 -16.82 45.94
N PRO B 98 -25.77 -17.86 45.39
CA PRO B 98 -24.33 -17.74 45.13
C PRO B 98 -24.05 -16.47 44.31
N ASP B 99 -22.97 -15.76 44.64
CA ASP B 99 -22.64 -14.55 43.90
C ASP B 99 -22.72 -14.71 42.38
N ASP B 100 -22.06 -15.75 41.87
CA ASP B 100 -22.04 -16.03 40.43
C ASP B 100 -23.43 -16.16 39.85
N VAL B 101 -24.32 -16.77 40.62
CA VAL B 101 -25.68 -16.94 40.18
C VAL B 101 -26.43 -15.63 40.09
N VAL B 102 -26.19 -14.74 41.04
CA VAL B 102 -26.87 -13.45 41.06
C VAL B 102 -26.29 -12.54 39.99
N SER B 103 -24.99 -12.68 39.77
CA SER B 103 -24.29 -11.87 38.79
C SER B 103 -24.86 -12.12 37.38
N SER B 104 -25.03 -13.39 37.04
CA SER B 104 -25.56 -13.74 35.73
C SER B 104 -26.99 -13.25 35.56
N ILE B 105 -27.75 -13.27 36.64
CA ILE B 105 -29.13 -12.78 36.60
C ILE B 105 -29.07 -11.26 36.42
N ASN B 106 -28.18 -10.62 37.14
CA ASN B 106 -28.04 -9.17 37.04
C ASN B 106 -27.52 -8.76 35.66
N GLU B 107 -26.70 -9.62 35.06
CA GLU B 107 -26.17 -9.31 33.75
C GLU B 107 -27.31 -9.36 32.74
N GLN B 108 -28.27 -10.24 33.00
CA GLN B 108 -29.40 -10.37 32.10
C GLN B 108 -30.28 -9.12 32.04
N LEU B 109 -30.12 -8.22 33.01
CA LEU B 109 -30.92 -7.00 33.04
C LEU B 109 -30.02 -5.79 32.85
N SER B 110 -28.96 -5.93 32.06
CA SER B 110 -28.03 -4.82 31.85
C SER B 110 -27.83 -4.42 30.40
N GLY B 111 -28.63 -4.94 29.49
CA GLY B 111 -28.45 -4.59 28.09
C GLY B 111 -29.44 -3.54 27.61
N ALA B 112 -29.22 -3.09 26.39
CA ALA B 112 -30.09 -2.11 25.76
C ALA B 112 -31.54 -2.57 25.78
N CYS B 113 -31.77 -3.88 25.64
CA CYS B 113 -33.14 -4.39 25.67
C CYS B 113 -33.86 -4.08 26.99
N THR B 114 -33.21 -4.35 28.12
CA THR B 114 -33.81 -4.04 29.41
C THR B 114 -34.13 -2.52 29.45
N THR B 115 -33.23 -1.70 28.90
CA THR B 115 -33.42 -0.24 28.87
C THR B 115 -34.59 0.16 27.97
N GLU B 116 -34.73 -0.51 26.83
CA GLU B 116 -35.85 -0.22 25.96
C GLU B 116 -37.15 -0.54 26.73
N ILE B 117 -37.19 -1.74 27.33
CA ILE B 117 -38.34 -2.19 28.10
C ILE B 117 -38.71 -1.21 29.21
N ALA B 118 -37.71 -0.82 30.00
CA ALA B 118 -37.91 0.11 31.11
C ALA B 118 -38.40 1.47 30.62
N ALA B 119 -37.91 1.90 29.48
CA ALA B 119 -38.35 3.17 28.94
C ALA B 119 -39.82 3.04 28.55
N PHE B 120 -40.16 1.97 27.84
CA PHE B 120 -41.54 1.79 27.44
C PHE B 120 -42.49 1.84 28.65
N ASP B 121 -42.03 1.30 29.78
CA ASP B 121 -42.82 1.30 31.00
C ASP B 121 -43.06 2.75 31.41
N GLU B 122 -42.04 3.59 31.23
CA GLU B 122 -42.16 5.01 31.53
C GLU B 122 -43.09 5.66 30.49
N PHE B 123 -42.87 5.38 29.20
CA PHE B 123 -43.75 5.95 28.17
C PHE B 123 -45.22 5.59 28.49
N THR B 124 -45.46 4.32 28.78
CA THR B 124 -46.79 3.82 29.09
C THR B 124 -47.51 4.63 30.15
N GLY B 125 -46.78 4.95 31.23
CA GLY B 125 -47.37 5.74 32.29
C GLY B 125 -47.89 7.06 31.77
N LEU B 126 -47.04 7.77 31.03
CA LEU B 126 -47.41 9.05 30.46
C LEU B 126 -48.55 8.89 29.44
N LEU B 127 -48.44 7.89 28.57
CA LEU B 127 -49.47 7.64 27.57
C LEU B 127 -50.88 7.31 28.07
N THR B 128 -50.98 6.65 29.22
CA THR B 128 -52.29 6.23 29.74
C THR B 128 -52.96 7.10 30.82
N ASP B 129 -52.30 8.20 31.20
CA ASP B 129 -52.80 9.12 32.21
C ASP B 129 -53.63 10.20 31.49
N ALA B 130 -54.95 10.03 31.51
CA ALA B 130 -55.87 10.96 30.84
C ALA B 130 -55.85 12.36 31.46
N SER B 131 -55.64 12.43 32.76
CA SER B 131 -55.63 13.73 33.47
C SER B 131 -54.63 14.68 32.83
N LEU B 132 -53.55 14.10 32.34
CA LEU B 132 -52.49 14.85 31.71
C LEU B 132 -52.99 15.68 30.51
N LEU B 133 -53.94 15.12 29.76
CA LEU B 133 -54.53 15.78 28.57
C LEU B 133 -55.42 16.96 28.92
N THR B 134 -55.72 17.09 30.20
CA THR B 134 -56.54 18.17 30.72
C THR B 134 -55.64 19.39 30.96
N ARG B 135 -54.36 19.12 31.18
CA ARG B 135 -53.36 20.17 31.45
C ARG B 135 -52.54 20.60 30.24
N PHE B 136 -52.29 19.69 29.30
CA PHE B 136 -51.48 20.08 28.16
C PHE B 136 -52.14 19.75 26.83
N ASP B 137 -51.83 20.55 25.82
CA ASP B 137 -52.39 20.35 24.50
C ASP B 137 -51.52 19.33 23.79
N HIS B 138 -50.23 19.33 24.11
CA HIS B 138 -49.27 18.41 23.50
C HIS B 138 -48.20 17.90 24.46
N ILE B 139 -47.87 16.62 24.34
CA ILE B 139 -46.77 16.03 25.12
C ILE B 139 -45.76 15.57 24.06
N ILE B 140 -44.57 16.17 24.05
CA ILE B 140 -43.58 15.79 23.06
C ILE B 140 -42.45 14.93 23.63
N PHE B 141 -42.15 13.82 22.96
CA PHE B 141 -41.11 12.89 23.40
C PHE B 141 -39.95 12.93 22.41
N ASP B 142 -38.71 13.04 22.90
CA ASP B 142 -37.59 13.10 21.97
C ASP B 142 -36.94 11.79 21.58
N THR B 143 -37.67 10.69 21.75
CA THR B 143 -37.24 9.35 21.34
C THR B 143 -38.51 8.54 21.27
N ALA B 144 -38.42 7.36 20.68
CA ALA B 144 -39.61 6.53 20.55
C ALA B 144 -39.35 5.04 20.74
N PRO B 145 -40.38 4.30 21.16
CA PRO B 145 -40.16 2.87 21.34
C PRO B 145 -39.93 2.21 19.96
N THR B 146 -39.33 1.03 19.93
CA THR B 146 -39.09 0.37 18.65
C THR B 146 -40.25 -0.57 18.30
N GLY B 147 -40.22 -1.17 17.12
CA GLY B 147 -41.29 -2.08 16.75
C GLY B 147 -41.13 -3.33 17.59
N HIS B 148 -39.87 -3.67 17.78
CA HIS B 148 -39.47 -4.84 18.56
C HIS B 148 -40.06 -4.79 19.98
N THR B 149 -39.85 -3.69 20.68
CA THR B 149 -40.38 -3.56 22.03
C THR B 149 -41.91 -3.56 22.04
N ILE B 150 -42.52 -2.84 21.10
CA ILE B 150 -43.96 -2.79 21.02
C ILE B 150 -44.53 -4.19 20.73
N ARG B 151 -43.85 -4.96 19.88
CA ARG B 151 -44.31 -6.33 19.57
C ARG B 151 -44.23 -7.24 20.80
N LEU B 152 -43.09 -7.23 21.49
CA LEU B 152 -42.94 -8.04 22.68
C LEU B 152 -44.11 -7.88 23.64
N LEU B 153 -44.48 -6.64 23.93
CA LEU B 153 -45.57 -6.38 24.86
C LEU B 153 -46.98 -6.61 24.31
N GLN B 154 -47.12 -6.86 23.02
CA GLN B 154 -48.42 -7.15 22.40
C GLN B 154 -48.64 -8.68 22.56
N LEU B 155 -47.56 -9.42 22.48
CA LEU B 155 -47.60 -10.88 22.55
C LEU B 155 -48.22 -11.45 23.82
N PRO B 156 -49.16 -12.38 23.64
CA PRO B 156 -49.88 -13.07 24.71
C PRO B 156 -48.95 -13.95 25.54
N GLY B 157 -47.91 -14.47 24.90
CA GLY B 157 -46.98 -15.33 25.60
C GLY B 157 -46.16 -14.60 26.64
N ALA B 158 -46.10 -13.27 26.52
CA ALA B 158 -45.32 -12.47 27.47
C ALA B 158 -45.99 -12.39 28.83
N TRP B 159 -47.23 -12.85 28.91
CA TRP B 159 -47.99 -12.81 30.14
C TRP B 159 -48.37 -14.18 30.70
N SER B 160 -47.62 -15.22 30.35
CA SER B 160 -47.91 -16.56 30.85
C SER B 160 -46.67 -17.44 30.78
N SER B 161 -46.14 -17.62 29.57
CA SER B 161 -44.94 -18.43 29.38
C SER B 161 -43.78 -17.79 30.13
N PHE B 162 -42.95 -18.63 30.73
CA PHE B 162 -41.79 -18.15 31.46
C PHE B 162 -40.48 -18.74 30.92
N ILE B 163 -39.60 -17.86 30.43
CA ILE B 163 -38.32 -18.30 29.86
C ILE B 163 -37.37 -18.90 30.88
N ASP B 164 -36.59 -19.88 30.43
CA ASP B 164 -35.63 -20.50 31.31
C ASP B 164 -34.23 -19.97 31.03
N SER B 165 -33.80 -19.05 31.89
CA SER B 165 -32.48 -18.44 31.81
C SER B 165 -31.47 -19.49 32.29
N GLU B 168 -27.69 -23.25 29.50
CA GLU B 168 -27.71 -21.93 30.11
C GLU B 168 -28.85 -21.05 29.57
N GLY B 169 -28.52 -20.23 28.57
CA GLY B 169 -29.52 -19.35 27.97
C GLY B 169 -28.98 -17.96 27.71
N ALA B 170 -29.00 -17.55 26.43
CA ALA B 170 -28.51 -16.23 26.04
C ALA B 170 -29.66 -15.41 25.45
N SER B 171 -30.59 -15.02 26.32
CA SER B 171 -31.75 -14.26 25.90
C SER B 171 -31.91 -12.91 26.62
N CYS B 172 -32.81 -12.09 26.10
CA CYS B 172 -33.10 -10.77 26.65
C CYS B 172 -34.55 -10.69 27.09
N LEU B 173 -35.12 -11.80 27.51
CA LEU B 173 -36.49 -11.76 27.96
C LEU B 173 -36.55 -11.40 29.43
N GLY B 174 -35.40 -11.39 30.08
CA GLY B 174 -35.32 -11.07 31.50
C GLY B 174 -36.13 -9.86 31.94
N PRO B 175 -35.95 -8.69 31.29
CA PRO B 175 -36.64 -7.44 31.60
C PRO B 175 -38.14 -7.59 31.85
N MET B 176 -38.75 -8.59 31.24
CA MET B 176 -40.20 -8.84 31.35
C MET B 176 -40.71 -8.98 32.79
N ALA B 177 -39.95 -9.65 33.65
CA ALA B 177 -40.40 -9.82 35.03
C ALA B 177 -40.60 -8.46 35.73
N GLY B 178 -39.77 -7.48 35.40
CA GLY B 178 -39.87 -6.16 35.98
C GLY B 178 -41.06 -5.32 35.51
N LEU B 179 -41.79 -5.82 34.53
CA LEU B 179 -42.96 -5.08 34.04
C LEU B 179 -43.81 -4.98 35.28
N GLU B 180 -44.15 -3.78 35.71
CA GLU B 180 -44.93 -3.69 36.94
C GLU B 180 -46.39 -3.30 36.81
N LYS B 181 -46.83 -2.92 35.61
CA LYS B 181 -48.23 -2.53 35.43
C LYS B 181 -49.06 -3.69 34.92
N GLN B 182 -50.38 -3.54 34.97
CA GLN B 182 -51.25 -4.59 34.49
C GLN B 182 -51.18 -4.64 32.98
N ARG B 183 -51.40 -5.81 32.42
CA ARG B 183 -51.39 -6.00 30.98
C ARG B 183 -52.21 -4.94 30.28
N GLU B 184 -53.40 -4.68 30.82
CA GLU B 184 -54.31 -3.70 30.26
C GLU B 184 -53.62 -2.37 29.94
N GLN B 185 -52.85 -1.84 30.88
CA GLN B 185 -52.18 -0.56 30.65
C GLN B 185 -51.28 -0.54 29.42
N TYR B 186 -50.43 -1.55 29.28
CA TYR B 186 -49.54 -1.60 28.14
C TYR B 186 -50.37 -1.68 26.87
N ALA B 187 -51.44 -2.45 26.94
CA ALA B 187 -52.34 -2.60 25.80
C ALA B 187 -52.93 -1.24 25.39
N TYR B 188 -53.33 -0.46 26.38
CA TYR B 188 -53.93 0.85 26.18
C TYR B 188 -52.91 1.85 25.59
N ALA B 189 -51.68 1.80 26.10
CA ALA B 189 -50.62 2.67 25.61
C ALA B 189 -50.40 2.38 24.14
N VAL B 190 -50.41 1.10 23.78
CA VAL B 190 -50.22 0.72 22.39
C VAL B 190 -51.41 1.17 21.56
N GLU B 191 -52.59 1.18 22.18
CA GLU B 191 -53.77 1.62 21.47
C GLU B 191 -53.56 3.11 21.16
N ALA B 192 -53.04 3.85 22.13
CA ALA B 192 -52.80 5.28 21.98
C ALA B 192 -51.75 5.56 20.93
N LEU B 193 -50.73 4.73 20.88
CA LEU B 193 -49.65 4.91 19.92
C LEU B 193 -50.07 4.58 18.50
N SER B 194 -51.03 3.69 18.34
CA SER B 194 -51.49 3.31 17.02
C SER B 194 -52.65 4.15 16.56
N ASP B 195 -53.22 4.91 17.48
CA ASP B 195 -54.35 5.76 17.18
C ASP B 195 -53.88 7.07 16.52
N PRO B 196 -54.06 7.19 15.20
CA PRO B 196 -53.62 8.40 14.50
C PRO B 196 -54.19 9.68 15.09
N LYS B 197 -55.35 9.58 15.75
CA LYS B 197 -55.96 10.75 16.35
C LYS B 197 -55.30 11.18 17.64
N ARG B 198 -54.45 10.33 18.18
CA ARG B 198 -53.76 10.65 19.42
C ARG B 198 -52.26 10.82 19.31
N THR B 199 -51.64 10.05 18.41
CA THR B 199 -50.20 10.07 18.28
C THR B 199 -49.69 10.22 16.88
N ARG B 200 -48.65 11.05 16.75
CA ARG B 200 -47.96 11.29 15.48
C ARG B 200 -46.49 10.89 15.67
N LEU B 201 -45.97 10.12 14.71
CA LEU B 201 -44.59 9.65 14.73
C LEU B 201 -43.75 10.40 13.69
N VAL B 202 -42.75 11.15 14.15
CA VAL B 202 -41.90 11.86 13.21
C VAL B 202 -40.55 11.17 13.05
N LEU B 203 -40.26 10.70 11.84
CA LEU B 203 -39.01 10.01 11.55
C LEU B 203 -37.93 11.04 11.18
N VAL B 204 -36.91 11.19 12.02
CA VAL B 204 -35.84 12.14 11.70
C VAL B 204 -34.73 11.41 10.97
N ALA B 205 -34.09 12.07 10.02
CA ALA B 205 -32.99 11.45 9.27
C ALA B 205 -32.10 12.51 8.65
N ARG B 206 -31.13 12.05 7.86
CA ARG B 206 -30.18 12.92 7.18
C ARG B 206 -30.22 12.48 5.72
N LEU B 207 -29.75 13.33 4.82
CA LEU B 207 -29.73 12.98 3.41
C LEU B 207 -28.53 12.09 3.10
N GLN B 208 -28.56 10.89 3.66
CA GLN B 208 -27.50 9.90 3.49
C GLN B 208 -28.23 8.67 2.97
N LYS B 209 -27.68 7.95 1.98
CA LYS B 209 -28.40 6.79 1.45
C LYS B 209 -28.62 5.69 2.46
N SER B 210 -27.62 5.42 3.29
CA SER B 210 -27.71 4.35 4.28
C SER B 210 -28.61 4.75 5.45
N THR B 211 -28.40 5.94 5.99
CA THR B 211 -29.21 6.42 7.10
C THR B 211 -30.67 6.43 6.66
N LEU B 212 -30.88 6.53 5.35
CA LEU B 212 -32.22 6.58 4.79
C LEU B 212 -32.83 5.19 4.68
N GLN B 213 -31.97 4.22 4.38
CA GLN B 213 -32.39 2.83 4.26
C GLN B 213 -32.83 2.37 5.65
N GLU B 214 -32.15 2.90 6.66
CA GLU B 214 -32.46 2.58 8.05
C GLU B 214 -33.84 3.13 8.38
N VAL B 215 -34.01 4.44 8.19
CA VAL B 215 -35.27 5.08 8.47
C VAL B 215 -36.39 4.33 7.78
N ALA B 216 -36.16 3.95 6.53
CA ALA B 216 -37.17 3.20 5.79
C ALA B 216 -37.57 1.92 6.54
N ARG B 217 -36.59 1.23 7.11
CA ARG B 217 -36.90 0.00 7.85
C ARG B 217 -37.77 0.34 9.05
N THR B 218 -37.37 1.35 9.80
CA THR B 218 -38.13 1.76 10.99
C THR B 218 -39.58 2.02 10.62
N HIS B 219 -39.75 2.68 9.48
CA HIS B 219 -41.07 3.01 8.98
C HIS B 219 -41.98 1.80 8.83
N LEU B 220 -41.56 0.80 8.04
CA LEU B 220 -42.37 -0.40 7.84
C LEU B 220 -42.72 -1.13 9.13
N GLU B 221 -41.76 -1.23 10.05
CA GLU B 221 -42.01 -1.91 11.31
C GLU B 221 -43.08 -1.25 12.14
N LEU B 222 -42.94 0.06 12.35
CA LEU B 222 -43.92 0.79 13.15
C LEU B 222 -45.31 0.80 12.50
N ALA B 223 -45.35 0.74 11.17
CA ALA B 223 -46.61 0.74 10.42
C ALA B 223 -47.33 -0.60 10.55
N ALA B 224 -46.56 -1.69 10.54
CA ALA B 224 -47.12 -3.03 10.67
C ALA B 224 -47.85 -3.18 12.02
N ILE B 225 -47.47 -2.36 12.99
CA ILE B 225 -48.08 -2.42 14.30
C ILE B 225 -49.29 -1.49 14.39
N GLY B 226 -49.39 -0.56 13.45
CA GLY B 226 -50.53 0.33 13.48
C GLY B 226 -50.20 1.81 13.48
N LEU B 227 -48.96 2.19 13.73
CA LEU B 227 -48.62 3.60 13.70
C LEU B 227 -48.66 4.01 12.26
N LYS B 228 -49.70 4.74 11.89
CA LYS B 228 -49.84 5.15 10.51
C LYS B 228 -49.92 6.67 10.37
N ASN B 229 -49.50 7.36 11.43
CA ASN B 229 -49.47 8.81 11.45
C ASN B 229 -47.98 9.17 11.55
N GLN B 230 -47.26 8.90 10.47
CA GLN B 230 -45.82 9.15 10.39
C GLN B 230 -45.42 10.23 9.39
N TYR B 231 -44.52 11.09 9.84
CA TYR B 231 -43.99 12.17 9.03
C TYR B 231 -42.49 11.98 8.89
N LEU B 232 -41.89 12.58 7.87
CA LEU B 232 -40.47 12.45 7.67
C LEU B 232 -39.74 13.79 7.67
N VAL B 233 -38.83 13.97 8.60
CA VAL B 233 -38.09 15.22 8.66
C VAL B 233 -36.60 15.00 8.38
N ILE B 234 -36.14 15.39 7.19
CA ILE B 234 -34.73 15.26 6.80
C ILE B 234 -33.97 16.48 7.33
N ASN B 235 -33.23 16.30 8.42
CA ASN B 235 -32.49 17.38 9.09
C ASN B 235 -31.06 17.66 8.60
N GLY B 236 -30.54 18.82 8.99
CA GLY B 236 -29.18 19.23 8.64
C GLY B 236 -28.76 19.26 7.17
N VAL B 237 -29.70 19.43 6.26
CA VAL B 237 -29.41 19.47 4.82
C VAL B 237 -28.61 20.72 4.40
N LEU B 238 -27.69 20.53 3.46
CA LEU B 238 -26.84 21.61 2.97
C LEU B 238 -27.54 22.52 1.96
N PRO B 239 -27.64 23.82 2.28
CA PRO B 239 -28.27 24.81 1.41
C PRO B 239 -27.41 25.08 0.17
N LYS B 240 -28.02 24.98 -1.01
CA LYS B 240 -27.32 25.19 -2.27
C LYS B 240 -26.40 26.40 -2.28
N THR B 241 -26.90 27.54 -1.79
CA THR B 241 -26.13 28.78 -1.76
C THR B 241 -24.70 28.52 -1.26
N GLU B 242 -24.51 27.37 -0.62
CA GLU B 242 -23.23 26.98 -0.06
C GLU B 242 -22.35 26.15 -0.99
N ALA B 243 -22.93 25.62 -2.07
CA ALA B 243 -22.16 24.84 -3.03
C ALA B 243 -21.63 25.71 -4.16
N ALA B 244 -21.23 26.93 -3.82
CA ALA B 244 -20.71 27.87 -4.81
C ALA B 244 -19.20 27.75 -4.91
N ASN B 245 -18.49 28.39 -3.98
CA ASN B 245 -17.04 28.35 -3.97
C ASN B 245 -16.47 27.38 -2.95
N ASP B 246 -16.21 26.15 -3.41
CA ASP B 246 -15.63 25.08 -2.61
C ASP B 246 -15.87 23.71 -3.24
N THR B 247 -14.84 22.88 -3.27
CA THR B 247 -14.96 21.56 -3.86
C THR B 247 -15.75 20.60 -2.98
N LEU B 248 -15.58 20.73 -1.67
CA LEU B 248 -16.28 19.86 -0.71
C LEU B 248 -17.77 20.16 -0.61
N ALA B 249 -18.11 21.39 -0.24
CA ALA B 249 -19.50 21.80 -0.11
C ALA B 249 -20.31 21.31 -1.29
N ALA B 250 -19.74 21.40 -2.48
CA ALA B 250 -20.40 20.99 -3.71
C ALA B 250 -20.49 19.48 -3.83
N ALA B 251 -19.43 18.79 -3.45
CA ALA B 251 -19.41 17.33 -3.54
C ALA B 251 -20.54 16.83 -2.66
N ILE B 252 -20.70 17.54 -1.54
CA ILE B 252 -21.73 17.23 -0.54
C ILE B 252 -23.14 17.60 -0.99
N TRP B 253 -23.31 18.83 -1.48
CA TRP B 253 -24.61 19.28 -1.92
C TRP B 253 -25.15 18.37 -2.99
N GLU B 254 -24.26 17.85 -3.83
CA GLU B 254 -24.68 16.96 -4.89
C GLU B 254 -25.04 15.62 -4.28
N ARG B 255 -24.10 15.05 -3.53
CA ARG B 255 -24.30 13.77 -2.88
C ARG B 255 -25.66 13.69 -2.18
N GLU B 256 -25.95 14.69 -1.34
CA GLU B 256 -27.22 14.72 -0.64
C GLU B 256 -28.33 14.70 -1.68
N GLN B 257 -28.24 15.62 -2.63
CA GLN B 257 -29.19 15.76 -3.72
C GLN B 257 -29.56 14.44 -4.38
N GLU B 258 -28.57 13.61 -4.65
CA GLU B 258 -28.82 12.31 -5.27
C GLU B 258 -29.72 11.51 -4.35
N ALA B 259 -29.38 11.50 -3.06
CA ALA B 259 -30.15 10.79 -2.05
C ALA B 259 -31.61 11.25 -2.06
N LEU B 260 -31.82 12.56 -2.13
CA LEU B 260 -33.16 13.14 -2.18
C LEU B 260 -33.90 12.55 -3.39
N ALA B 261 -33.23 12.60 -4.53
CA ALA B 261 -33.80 12.08 -5.77
C ALA B 261 -33.59 10.59 -5.79
N ASN B 262 -34.02 9.93 -4.72
CA ASN B 262 -33.86 8.49 -4.67
C ASN B 262 -34.34 7.92 -3.34
N LEU B 263 -35.02 8.73 -2.55
CA LEU B 263 -35.53 8.25 -1.26
C LEU B 263 -36.07 6.85 -1.44
N PRO B 264 -35.72 5.94 -0.52
CA PRO B 264 -36.21 4.56 -0.64
C PRO B 264 -37.73 4.50 -0.83
N ALA B 265 -38.16 3.69 -1.79
CA ALA B 265 -39.57 3.51 -2.12
C ALA B 265 -40.53 3.68 -0.95
N ASP B 266 -40.31 2.88 0.09
CA ASP B 266 -41.14 2.89 1.30
C ASP B 266 -41.35 4.27 1.94
N LEU B 267 -40.39 5.17 1.78
CA LEU B 267 -40.48 6.52 2.35
C LEU B 267 -41.09 7.54 1.39
N ALA B 268 -41.25 7.16 0.13
CA ALA B 268 -41.78 8.04 -0.89
C ALA B 268 -43.17 8.58 -0.59
N GLY B 269 -43.89 7.91 0.30
CA GLY B 269 -45.23 8.35 0.62
C GLY B 269 -45.38 9.31 1.80
N LEU B 270 -44.47 9.26 2.75
CA LEU B 270 -44.56 10.13 3.92
C LEU B 270 -44.38 11.61 3.62
N PRO B 271 -45.15 12.45 4.32
CA PRO B 271 -44.99 13.88 4.07
C PRO B 271 -43.56 14.14 4.52
N THR B 272 -42.84 14.97 3.77
CA THR B 272 -41.44 15.23 4.06
C THR B 272 -41.07 16.71 4.15
N ASP B 273 -40.46 17.10 5.25
CA ASP B 273 -39.99 18.48 5.41
C ASP B 273 -38.48 18.37 5.59
N THR B 274 -37.77 19.45 5.29
CA THR B 274 -36.32 19.43 5.43
C THR B 274 -35.86 20.62 6.25
N LEU B 275 -34.91 20.39 7.14
CA LEU B 275 -34.35 21.47 7.95
C LEU B 275 -32.93 21.66 7.46
N PHE B 276 -32.44 22.90 7.49
CA PHE B 276 -31.09 23.20 7.00
C PHE B 276 -30.01 23.15 8.07
N LEU B 277 -28.78 22.94 7.61
CA LEU B 277 -27.62 22.87 8.49
C LEU B 277 -27.40 24.23 9.16
N GLN B 278 -27.21 24.23 10.48
CA GLN B 278 -27.00 25.47 11.22
C GLN B 278 -25.53 25.68 11.54
N PRO B 279 -25.09 26.96 11.61
CA PRO B 279 -23.70 27.30 11.91
C PRO B 279 -23.27 26.83 13.27
N VAL B 280 -23.96 27.30 14.29
CA VAL B 280 -23.62 26.92 15.65
C VAL B 280 -24.67 25.96 16.22
N ASN B 281 -24.22 24.96 16.97
CA ASN B 281 -25.15 24.01 17.58
C ASN B 281 -26.08 24.83 18.48
N MET B 282 -27.40 24.72 18.23
CA MET B 282 -28.40 25.47 18.98
C MET B 282 -28.40 25.28 20.48
N VAL B 283 -28.17 26.37 21.22
CA VAL B 283 -28.16 26.31 22.67
C VAL B 283 -29.21 27.23 23.27
N GLY B 284 -29.74 28.14 22.45
CA GLY B 284 -30.76 29.07 22.92
C GLY B 284 -32.04 29.14 22.11
N VAL B 285 -33.06 29.77 22.68
CA VAL B 285 -34.37 29.92 22.05
C VAL B 285 -34.34 30.39 20.59
N SER B 286 -33.58 31.44 20.30
CA SER B 286 -33.53 31.95 18.93
C SER B 286 -32.94 30.93 17.97
N ALA B 287 -31.90 30.22 18.42
CA ALA B 287 -31.25 29.22 17.60
C ALA B 287 -32.20 28.07 17.33
N LEU B 288 -32.90 27.60 18.36
CA LEU B 288 -33.86 26.52 18.19
C LEU B 288 -34.94 26.97 17.23
N SER B 289 -35.30 28.25 17.34
CA SER B 289 -36.33 28.83 16.50
C SER B 289 -35.91 28.83 15.03
N ARG B 290 -34.71 29.35 14.76
CA ARG B 290 -34.19 29.41 13.41
C ARG B 290 -34.07 28.05 12.73
N LEU B 291 -34.29 26.99 13.49
CA LEU B 291 -34.21 25.64 12.93
C LEU B 291 -35.35 25.41 11.94
N LEU B 292 -36.55 25.87 12.30
CA LEU B 292 -37.71 25.70 11.46
C LEU B 292 -37.76 26.57 10.20
N SER B 293 -37.14 27.75 10.23
CA SER B 293 -37.14 28.67 9.09
C SER B 293 -36.64 28.01 7.81
N THR B 294 -36.37 28.83 6.79
CA THR B 294 -35.86 28.32 5.51
C THR B 294 -34.74 29.21 4.93
N GLN B 295 -33.53 29.02 5.45
CA GLN B 295 -32.33 29.76 5.05
C GLN B 295 -32.42 31.24 5.37
N GLN B 307 -8.44 28.04 8.31
CA GLN B 307 -9.26 27.73 9.48
C GLN B 307 -8.53 26.81 10.46
N GLN B 308 -8.94 26.87 11.73
CA GLN B 308 -8.36 26.08 12.81
C GLN B 308 -8.09 24.61 12.41
N ARG B 309 -7.07 23.99 13.00
CA ARG B 309 -6.72 22.60 12.67
C ARG B 309 -6.29 21.77 13.89
N PRO B 310 -7.15 20.83 14.35
CA PRO B 310 -6.82 19.99 15.50
C PRO B 310 -5.51 19.20 15.40
N ASP B 311 -5.02 18.79 16.57
CA ASP B 311 -3.75 18.08 16.71
C ASP B 311 -3.89 16.58 17.06
N ILE B 312 -4.49 15.81 16.14
CA ILE B 312 -4.66 14.38 16.33
C ILE B 312 -4.02 13.62 15.19
N PRO B 313 -3.40 12.48 15.48
CA PRO B 313 -2.77 11.73 14.39
C PRO B 313 -3.84 11.19 13.45
N SER B 314 -3.46 10.94 12.21
CA SER B 314 -4.36 10.44 11.20
C SER B 314 -4.56 8.94 11.32
N LEU B 315 -5.55 8.40 10.62
CA LEU B 315 -5.79 6.96 10.69
C LEU B 315 -4.54 6.15 10.31
N SER B 316 -3.66 6.70 9.49
CA SER B 316 -2.45 5.95 9.11
C SER B 316 -1.53 5.74 10.30
N ALA B 317 -1.65 6.62 11.30
CA ALA B 317 -0.83 6.52 12.50
C ALA B 317 -1.25 5.34 13.38
N LEU B 318 -2.55 5.04 13.42
CA LEU B 318 -3.02 3.90 14.22
C LEU B 318 -2.58 2.67 13.47
N VAL B 319 -2.79 2.69 12.17
CA VAL B 319 -2.39 1.56 11.34
C VAL B 319 -0.89 1.29 11.56
N ASP B 320 -0.09 2.36 11.54
CA ASP B 320 1.33 2.19 11.75
C ASP B 320 1.59 1.47 13.06
N ASP B 321 0.97 1.94 14.14
CA ASP B 321 1.20 1.28 15.41
C ASP B 321 0.76 -0.18 15.48
N ILE B 322 -0.32 -0.57 14.81
CA ILE B 322 -0.71 -1.97 14.87
C ILE B 322 0.27 -2.78 14.01
N ALA B 323 1.06 -2.07 13.20
CA ALA B 323 2.05 -2.72 12.34
C ALA B 323 3.39 -2.95 13.06
N ARG B 324 3.47 -2.59 14.33
CA ARG B 324 4.70 -2.85 15.07
C ARG B 324 4.77 -4.37 15.26
N ASN B 325 3.59 -4.99 15.28
CA ASN B 325 3.51 -6.43 15.47
C ASN B 325 3.40 -7.17 14.16
N GLU B 326 3.49 -8.50 14.23
CA GLU B 326 3.42 -9.33 13.04
C GLU B 326 2.00 -9.69 12.66
N HIS B 327 1.16 -9.86 13.68
CA HIS B 327 -0.24 -10.26 13.51
C HIS B 327 -1.15 -9.73 14.64
N GLY B 328 -2.37 -10.24 14.70
CA GLY B 328 -3.27 -9.81 15.75
C GLY B 328 -4.71 -9.62 15.31
N LEU B 329 -5.64 -9.64 16.27
CA LEU B 329 -7.05 -9.44 15.97
C LEU B 329 -7.43 -7.95 16.08
N ILE B 330 -8.05 -7.40 15.04
CA ILE B 330 -8.47 -5.99 15.06
C ILE B 330 -9.98 -5.89 14.88
N MET B 331 -10.65 -5.23 15.82
CA MET B 331 -12.10 -5.15 15.75
C MET B 331 -12.65 -3.74 15.78
N LEU B 332 -13.33 -3.34 14.72
CA LEU B 332 -13.91 -2.00 14.69
C LEU B 332 -15.32 -2.07 15.25
N MET B 333 -15.57 -1.25 16.27
CA MET B 333 -16.87 -1.24 16.96
C MET B 333 -17.47 0.15 16.96
N GLY B 334 -18.79 0.19 17.10
CA GLY B 334 -19.47 1.48 17.12
C GLY B 334 -20.94 1.41 16.82
N LYS B 335 -21.64 2.54 16.98
CA LYS B 335 -23.06 2.56 16.70
C LYS B 335 -23.22 2.36 15.23
N GLY B 336 -24.47 2.20 14.82
CA GLY B 336 -24.74 2.00 13.41
C GLY B 336 -24.46 3.22 12.58
N GLY B 337 -23.86 3.02 11.42
CA GLY B 337 -23.57 4.13 10.54
C GLY B 337 -22.36 5.00 10.79
N VAL B 338 -21.59 4.76 11.85
CA VAL B 338 -20.42 5.61 12.13
C VAL B 338 -19.33 5.42 11.09
N GLY B 339 -19.33 4.25 10.45
CA GLY B 339 -18.35 3.97 9.42
C GLY B 339 -17.45 2.79 9.68
N LYS B 340 -17.82 1.96 10.64
CA LYS B 340 -17.02 0.80 10.98
C LYS B 340 -16.44 0.07 9.77
N THR B 341 -17.28 -0.17 8.77
CA THR B 341 -16.85 -0.91 7.60
C THR B 341 -15.83 -0.18 6.74
N THR B 342 -16.03 1.10 6.52
CA THR B 342 -15.07 1.87 5.72
C THR B 342 -13.72 1.83 6.42
N MET B 343 -13.69 2.16 7.71
CA MET B 343 -12.43 2.15 8.49
C MET B 343 -11.76 0.77 8.48
N ALA B 344 -12.55 -0.28 8.66
CA ALA B 344 -12.00 -1.62 8.64
C ALA B 344 -11.38 -1.86 7.28
N ALA B 345 -12.10 -1.46 6.24
CA ALA B 345 -11.59 -1.64 4.89
C ALA B 345 -10.27 -0.89 4.76
N ALA B 346 -10.32 0.40 5.09
CA ALA B 346 -9.15 1.28 5.02
C ALA B 346 -7.94 0.70 5.74
N ILE B 347 -8.15 0.29 6.97
CA ILE B 347 -7.05 -0.27 7.74
C ILE B 347 -6.50 -1.49 7.01
N ALA B 348 -7.38 -2.37 6.55
CA ALA B 348 -6.97 -3.59 5.87
C ALA B 348 -6.10 -3.33 4.65
N VAL B 349 -6.57 -2.45 3.78
CA VAL B 349 -5.83 -2.11 2.57
C VAL B 349 -4.45 -1.59 2.95
N ARG B 350 -4.39 -0.69 3.93
CA ARG B 350 -3.14 -0.14 4.39
C ARG B 350 -2.11 -1.18 4.75
N LEU B 351 -2.51 -2.11 5.61
CA LEU B 351 -1.67 -3.20 6.07
C LEU B 351 -1.24 -4.02 4.88
N ALA B 352 -2.22 -4.48 4.10
CA ALA B 352 -1.94 -5.28 2.91
C ALA B 352 -0.94 -4.54 2.02
N ASP B 353 -1.18 -3.27 1.77
CA ASP B 353 -0.27 -2.48 0.95
C ASP B 353 1.11 -2.37 1.57
N MET B 354 1.22 -2.43 2.90
CA MET B 354 2.53 -2.32 3.53
C MET B 354 3.26 -3.67 3.68
N GLY B 355 2.74 -4.70 3.02
CA GLY B 355 3.40 -5.99 3.03
C GLY B 355 2.90 -7.01 4.02
N PHE B 356 1.93 -6.60 4.81
CA PHE B 356 1.40 -7.50 5.83
C PHE B 356 0.21 -8.29 5.32
N ASP B 357 0.14 -9.52 5.77
CA ASP B 357 -0.91 -10.45 5.40
C ASP B 357 -2.15 -10.14 6.23
N VAL B 358 -3.20 -9.69 5.55
CA VAL B 358 -4.44 -9.32 6.23
C VAL B 358 -5.66 -10.08 5.75
N HIS B 359 -6.58 -10.34 6.69
CA HIS B 359 -7.85 -11.03 6.42
C HIS B 359 -8.99 -10.14 6.95
N LEU B 360 -9.72 -9.51 6.03
CA LEU B 360 -10.84 -8.65 6.35
C LEU B 360 -12.14 -9.49 6.31
N THR B 361 -13.03 -9.24 7.27
CA THR B 361 -14.31 -9.95 7.37
C THR B 361 -15.41 -8.89 7.44
N THR B 362 -16.57 -9.18 6.84
CA THR B 362 -17.66 -8.22 6.87
C THR B 362 -19.01 -8.82 6.55
N SER B 363 -20.06 -8.32 7.17
CA SER B 363 -21.40 -8.83 6.89
C SER B 363 -22.17 -7.82 6.05
N ASP B 364 -21.45 -7.13 5.16
CA ASP B 364 -22.00 -6.13 4.26
C ASP B 364 -21.68 -6.51 2.82
N PRO B 365 -22.69 -6.52 1.94
CA PRO B 365 -22.51 -6.86 0.53
C PRO B 365 -22.10 -5.64 -0.28
N ALA B 366 -20.79 -5.40 -0.39
CA ALA B 366 -20.32 -4.25 -1.16
C ALA B 366 -18.82 -4.24 -1.42
N ALA B 367 -18.02 -4.63 -0.42
CA ALA B 367 -16.56 -4.67 -0.57
C ALA B 367 -16.10 -5.65 -1.65
N LEU B 377 -6.89 -6.93 -3.42
CA LEU B 377 -6.35 -8.05 -4.18
C LEU B 377 -5.20 -8.77 -3.44
N ASN B 378 -4.11 -9.03 -4.15
CA ASN B 378 -2.93 -9.70 -3.59
C ASN B 378 -2.61 -9.34 -2.14
N ASN B 379 -2.42 -10.37 -1.31
CA ASN B 379 -2.04 -10.18 0.11
C ASN B 379 -3.21 -9.99 1.08
N LEU B 380 -4.36 -9.60 0.54
CA LEU B 380 -5.55 -9.33 1.33
C LEU B 380 -6.72 -10.22 1.00
N GLN B 381 -7.17 -11.07 1.93
CA GLN B 381 -8.35 -11.87 1.64
C GLN B 381 -9.60 -11.31 2.36
N VAL B 382 -10.71 -11.27 1.66
CA VAL B 382 -11.96 -10.75 2.20
C VAL B 382 -13.05 -11.80 2.32
N SER B 383 -13.54 -12.02 3.53
CA SER B 383 -14.63 -12.96 3.75
C SER B 383 -15.90 -12.15 4.05
N ARG B 384 -16.99 -12.54 3.41
CA ARG B 384 -18.26 -11.87 3.60
C ARG B 384 -19.19 -12.96 4.08
N ILE B 385 -19.95 -12.72 5.14
CA ILE B 385 -20.91 -13.74 5.55
C ILE B 385 -22.23 -13.03 5.41
N ASP B 386 -23.28 -13.80 5.14
CA ASP B 386 -24.59 -13.21 4.98
C ASP B 386 -25.25 -13.19 6.34
N PRO B 387 -25.49 -12.00 6.88
CA PRO B 387 -26.12 -11.84 8.20
C PRO B 387 -27.44 -12.58 8.34
N HIS B 388 -28.33 -12.46 7.35
CA HIS B 388 -29.63 -13.14 7.42
C HIS B 388 -29.44 -14.65 7.54
N GLU B 389 -28.55 -15.22 6.73
CA GLU B 389 -28.32 -16.65 6.78
C GLU B 389 -27.87 -17.06 8.19
N GLU B 390 -26.86 -16.38 8.72
CA GLU B 390 -26.35 -16.69 10.06
C GLU B 390 -27.45 -16.55 11.12
N THR B 391 -28.16 -15.43 11.08
CA THR B 391 -29.22 -15.15 12.03
C THR B 391 -30.26 -16.24 12.12
N GLU B 392 -30.58 -16.88 11.00
CA GLU B 392 -31.55 -17.96 11.04
C GLU B 392 -30.89 -19.22 11.59
N ARG B 393 -29.64 -19.42 11.22
CA ARG B 393 -28.90 -20.57 11.72
C ARG B 393 -29.02 -20.51 13.25
N TYR B 394 -28.60 -19.39 13.82
CA TYR B 394 -28.63 -19.18 15.25
C TYR B 394 -30.04 -19.29 15.83
N ARG B 395 -30.96 -18.51 15.29
CA ARG B 395 -32.33 -18.54 15.77
C ARG B 395 -32.82 -19.97 15.85
N GLN B 396 -32.61 -20.72 14.77
CA GLN B 396 -33.06 -22.11 14.71
C GLN B 396 -32.43 -22.96 15.82
N HIS B 397 -31.16 -22.68 16.14
CA HIS B 397 -30.44 -23.41 17.18
C HIS B 397 -31.01 -23.14 18.57
N VAL B 398 -31.26 -21.88 18.88
CA VAL B 398 -31.78 -21.59 20.21
C VAL B 398 -33.26 -21.97 20.30
N LEU B 399 -33.90 -22.12 19.15
CA LEU B 399 -35.32 -22.48 19.11
C LEU B 399 -35.58 -23.92 19.53
N GLU B 400 -34.67 -24.83 19.23
CA GLU B 400 -34.89 -26.22 19.58
C GLU B 400 -34.44 -26.52 21.00
N THR B 401 -33.35 -25.89 21.41
CA THR B 401 -32.82 -26.08 22.74
C THR B 401 -33.72 -25.46 23.80
N LYS B 402 -33.95 -24.15 23.72
CA LYS B 402 -34.77 -23.46 24.70
C LYS B 402 -36.26 -23.54 24.42
N GLY B 403 -36.64 -24.25 23.37
CA GLY B 403 -38.05 -24.33 23.03
C GLY B 403 -38.79 -25.64 23.28
N LYS B 404 -38.08 -26.71 23.59
CA LYS B 404 -38.76 -27.97 23.84
C LYS B 404 -39.79 -27.77 24.93
N GLU B 405 -40.98 -28.29 24.70
CA GLU B 405 -42.08 -28.12 25.65
C GLU B 405 -42.19 -26.68 26.16
N LEU B 406 -42.77 -25.85 25.30
CA LEU B 406 -43.04 -24.45 25.55
C LEU B 406 -44.28 -24.37 24.67
N ASP B 407 -45.35 -23.74 25.13
CA ASP B 407 -46.55 -23.68 24.30
C ASP B 407 -46.39 -22.75 23.07
N GLU B 408 -47.30 -22.86 22.10
CA GLU B 408 -47.19 -22.06 20.91
C GLU B 408 -47.05 -20.57 21.20
N ALA B 409 -47.57 -20.11 22.32
CA ALA B 409 -47.46 -18.68 22.64
C ALA B 409 -46.05 -18.32 23.15
N GLY B 410 -45.40 -19.25 23.83
CA GLY B 410 -44.06 -18.99 24.31
C GLY B 410 -43.10 -19.02 23.13
N LYS B 411 -43.31 -20.00 22.27
CA LYS B 411 -42.46 -20.13 21.10
C LYS B 411 -42.43 -18.78 20.35
N ARG B 412 -43.59 -18.15 20.19
CA ARG B 412 -43.68 -16.85 19.53
C ARG B 412 -43.01 -15.76 20.42
N LEU B 413 -43.02 -15.95 21.74
CA LEU B 413 -42.38 -14.96 22.59
C LEU B 413 -40.87 -15.10 22.40
N LEU B 414 -40.42 -16.33 22.31
CA LEU B 414 -39.01 -16.60 22.13
C LEU B 414 -38.57 -16.14 20.74
N GLU B 415 -39.44 -16.32 19.76
CA GLU B 415 -39.13 -15.91 18.40
C GLU B 415 -38.99 -14.41 18.27
N GLU B 416 -39.78 -13.67 19.04
CA GLU B 416 -39.65 -12.21 18.96
C GLU B 416 -38.34 -11.81 19.65
N ASP B 417 -37.96 -12.54 20.70
CA ASP B 417 -36.71 -12.26 21.40
C ASP B 417 -35.55 -12.48 20.44
N LEU B 418 -35.70 -13.45 19.54
CA LEU B 418 -34.65 -13.75 18.59
C LEU B 418 -34.76 -12.84 17.40
N ARG B 419 -35.59 -11.83 17.54
CA ARG B 419 -35.80 -10.84 16.50
C ARG B 419 -35.18 -9.56 17.08
N SER B 420 -34.43 -9.74 18.17
CA SER B 420 -33.78 -8.67 18.90
C SER B 420 -32.52 -8.18 18.15
N PRO B 421 -32.14 -6.90 18.33
CA PRO B 421 -30.96 -6.37 17.64
C PRO B 421 -29.71 -7.21 17.94
N CYS B 422 -29.52 -7.57 19.20
CA CYS B 422 -28.33 -8.35 19.57
C CYS B 422 -28.26 -9.75 18.95
N THR B 423 -29.40 -10.27 18.51
CA THR B 423 -29.44 -11.61 17.93
C THR B 423 -28.56 -11.74 16.70
N GLU B 424 -28.65 -10.77 15.80
CA GLU B 424 -27.86 -10.83 14.61
C GLU B 424 -26.38 -10.59 14.92
N GLU B 425 -26.10 -9.81 15.97
CA GLU B 425 -24.73 -9.51 16.34
C GLU B 425 -24.06 -10.74 16.90
N ILE B 426 -24.82 -11.54 17.64
CA ILE B 426 -24.31 -12.77 18.22
C ILE B 426 -24.02 -13.72 17.07
N ALA B 427 -24.98 -13.83 16.15
CA ALA B 427 -24.87 -14.72 15.00
C ALA B 427 -23.69 -14.37 14.09
N VAL B 428 -23.54 -13.09 13.77
CA VAL B 428 -22.44 -12.64 12.92
C VAL B 428 -21.08 -12.93 13.57
N PHE B 429 -20.96 -12.61 14.85
CA PHE B 429 -19.73 -12.81 15.60
C PHE B 429 -19.33 -14.28 15.66
N GLN B 430 -20.30 -15.17 15.79
CA GLN B 430 -20.02 -16.62 15.83
C GLN B 430 -19.55 -17.11 14.47
N ALA B 431 -20.13 -16.58 13.41
CA ALA B 431 -19.76 -16.96 12.07
C ALA B 431 -18.28 -16.69 11.82
N PHE B 432 -17.74 -15.64 12.44
CA PHE B 432 -16.34 -15.26 12.28
C PHE B 432 -15.33 -16.10 13.06
N SER B 433 -15.77 -16.74 14.13
CA SER B 433 -14.91 -17.57 14.96
C SER B 433 -13.90 -18.40 14.21
N ARG B 434 -14.28 -18.92 13.06
CA ARG B 434 -13.35 -19.74 12.28
C ARG B 434 -12.15 -18.92 11.85
N VAL B 435 -12.38 -17.68 11.44
CA VAL B 435 -11.28 -16.83 11.00
C VAL B 435 -10.59 -16.10 12.13
N ILE B 436 -11.25 -15.97 13.27
CA ILE B 436 -10.62 -15.28 14.39
C ILE B 436 -9.37 -16.05 14.79
N ARG B 437 -9.44 -17.37 14.67
CA ARG B 437 -8.32 -18.22 15.02
C ARG B 437 -7.09 -17.99 14.14
N GLU B 438 -7.28 -17.25 13.06
CA GLU B 438 -6.17 -16.94 12.16
C GLU B 438 -5.41 -15.70 12.64
N ALA B 439 -5.89 -15.07 13.72
CA ALA B 439 -5.27 -13.88 14.28
C ALA B 439 -3.90 -14.14 14.91
N GLY B 440 -3.46 -15.38 14.88
CA GLY B 440 -2.17 -15.69 15.46
C GLY B 440 -1.09 -15.79 14.40
N LYS B 441 -1.51 -15.77 13.14
CA LYS B 441 -0.60 -15.89 11.99
C LYS B 441 -0.62 -14.67 11.07
N ARG B 442 -1.66 -13.86 11.17
CA ARG B 442 -1.82 -12.65 10.38
C ARG B 442 -2.84 -11.73 11.00
N PHE B 443 -3.08 -10.59 10.39
CA PHE B 443 -4.05 -9.65 10.93
C PHE B 443 -5.46 -10.01 10.52
N VAL B 444 -6.34 -10.14 11.49
CA VAL B 444 -7.73 -10.42 11.19
C VAL B 444 -8.44 -9.10 11.54
N VAL B 445 -9.11 -8.51 10.56
CA VAL B 445 -9.81 -7.25 10.75
C VAL B 445 -11.32 -7.39 10.64
N MET B 446 -12.04 -6.92 11.66
CA MET B 446 -13.50 -7.02 11.70
C MET B 446 -14.20 -5.68 11.72
N ASP B 447 -15.37 -5.62 11.07
CA ASP B 447 -16.13 -4.37 11.02
C ASP B 447 -17.34 -4.35 11.92
N THR B 448 -17.36 -5.25 12.91
CA THR B 448 -18.45 -5.28 13.87
C THR B 448 -18.12 -6.26 14.98
N ALA B 449 -18.83 -6.14 16.10
CA ALA B 449 -18.61 -7.00 17.27
C ALA B 449 -19.73 -6.76 18.24
N PRO B 450 -20.16 -7.82 18.95
CA PRO B 450 -21.25 -7.69 19.93
C PRO B 450 -20.87 -6.74 21.04
N THR B 451 -21.87 -6.33 21.82
CA THR B 451 -21.65 -5.43 22.94
C THR B 451 -20.98 -6.16 24.12
N GLY B 452 -20.39 -5.39 25.04
CA GLY B 452 -19.76 -5.98 26.20
C GLY B 452 -20.77 -6.84 26.95
N HIS B 453 -21.98 -6.31 27.09
CA HIS B 453 -23.06 -7.02 27.74
C HIS B 453 -23.21 -8.37 27.08
N THR B 454 -23.34 -8.36 25.76
CA THR B 454 -23.53 -9.59 25.03
C THR B 454 -22.37 -10.58 25.19
N LEU B 455 -21.12 -10.11 25.14
CA LEU B 455 -19.98 -11.03 25.31
C LEU B 455 -20.00 -11.66 26.70
N LEU B 456 -20.46 -10.90 27.70
CA LEU B 456 -20.56 -11.40 29.07
C LEU B 456 -21.63 -12.50 29.10
N LEU B 457 -22.67 -12.32 28.31
CA LEU B 457 -23.74 -13.30 28.23
C LEU B 457 -23.23 -14.55 27.52
N LEU B 458 -22.58 -14.38 26.37
CA LEU B 458 -22.06 -15.52 25.62
C LEU B 458 -21.03 -16.30 26.44
N ASP B 459 -20.28 -15.59 27.26
CA ASP B 459 -19.24 -16.19 28.10
C ASP B 459 -19.82 -16.96 29.27
N ALA B 460 -21.12 -16.80 29.51
CA ALA B 460 -21.78 -17.49 30.61
C ALA B 460 -22.05 -18.93 30.23
N THR B 461 -21.03 -19.62 29.71
CA THR B 461 -21.19 -21.02 29.30
C THR B 461 -19.88 -21.80 29.38
N THR B 479 -17.93 -21.76 21.07
CA THR B 479 -17.39 -21.22 22.31
C THR B 479 -16.76 -19.85 22.10
N THR B 480 -17.19 -18.90 22.92
CA THR B 480 -16.66 -17.53 22.85
C THR B 480 -15.36 -17.44 23.65
N PRO B 481 -14.25 -17.11 22.97
CA PRO B 481 -12.93 -16.98 23.59
C PRO B 481 -12.74 -15.61 24.26
N MET B 482 -13.32 -15.43 25.44
CA MET B 482 -13.21 -14.17 26.15
C MET B 482 -11.77 -13.79 26.41
N MET B 483 -10.99 -14.75 26.88
CA MET B 483 -9.59 -14.49 27.18
C MET B 483 -8.91 -13.79 26.02
N LEU B 484 -9.11 -14.31 24.81
CA LEU B 484 -8.53 -13.76 23.59
C LEU B 484 -8.95 -12.29 23.43
N LEU B 485 -10.25 -12.03 23.52
CA LEU B 485 -10.77 -10.68 23.38
C LEU B 485 -10.28 -9.73 24.49
N GLN B 486 -9.92 -10.27 25.65
CA GLN B 486 -9.46 -9.44 26.75
C GLN B 486 -7.94 -9.23 26.74
N ASP B 487 -7.25 -10.04 25.95
CA ASP B 487 -5.80 -9.97 25.86
C ASP B 487 -5.31 -8.79 25.01
N PRO B 488 -4.94 -7.67 25.66
CA PRO B 488 -4.46 -6.48 24.96
C PRO B 488 -3.49 -6.77 23.82
N GLU B 489 -2.74 -7.84 23.97
CA GLU B 489 -1.76 -8.17 22.95
C GLU B 489 -2.47 -8.66 21.69
N ARG B 490 -3.22 -9.73 21.89
CA ARG B 490 -3.96 -10.41 20.85
C ARG B 490 -5.17 -9.70 20.26
N THR B 491 -5.73 -8.74 20.99
CA THR B 491 -6.90 -8.02 20.47
C THR B 491 -6.89 -6.52 20.69
N LYS B 492 -7.13 -5.78 19.61
CA LYS B 492 -7.19 -4.33 19.66
C LYS B 492 -8.57 -3.97 19.16
N VAL B 493 -9.34 -3.34 20.03
CA VAL B 493 -10.67 -2.93 19.68
C VAL B 493 -10.62 -1.44 19.38
N LEU B 494 -11.01 -1.08 18.17
CA LEU B 494 -11.04 0.31 17.77
C LEU B 494 -12.49 0.76 17.73
N LEU B 495 -12.80 1.80 18.51
CA LEU B 495 -14.14 2.32 18.58
C LEU B 495 -14.31 3.46 17.58
N VAL B 496 -15.31 3.36 16.72
CA VAL B 496 -15.54 4.40 15.74
C VAL B 496 -16.72 5.28 16.11
N THR B 497 -16.55 6.58 15.96
CA THR B 497 -17.58 7.54 16.27
C THR B 497 -17.44 8.80 15.41
N LEU B 498 -18.25 9.81 15.73
CA LEU B 498 -18.24 11.07 15.02
C LEU B 498 -17.90 12.23 15.97
N PRO B 499 -17.44 13.38 15.43
CA PRO B 499 -17.09 14.51 16.27
C PRO B 499 -18.32 15.27 16.75
N GLU B 500 -19.29 14.51 17.24
CA GLU B 500 -20.54 15.08 17.71
C GLU B 500 -20.92 14.60 19.12
N THR B 501 -21.61 15.47 19.86
CA THR B 501 -22.03 15.22 21.24
C THR B 501 -22.65 13.85 21.50
N THR B 502 -23.84 13.62 20.96
CA THR B 502 -24.51 12.33 21.15
C THR B 502 -23.61 11.17 20.69
N PRO B 503 -23.15 11.17 19.43
CA PRO B 503 -22.29 10.06 19.00
C PRO B 503 -21.17 9.77 20.01
N VAL B 504 -20.55 10.82 20.56
CA VAL B 504 -19.50 10.64 21.54
C VAL B 504 -20.05 9.92 22.78
N LEU B 505 -21.14 10.45 23.33
CA LEU B 505 -21.77 9.86 24.52
C LEU B 505 -22.09 8.38 24.30
N GLU B 506 -22.63 8.06 23.12
CA GLU B 506 -22.95 6.69 22.79
C GLU B 506 -21.68 5.83 22.73
N ALA B 507 -20.64 6.35 22.09
CA ALA B 507 -19.37 5.64 21.99
C ALA B 507 -18.79 5.43 23.38
N ALA B 508 -18.83 6.48 24.22
CA ALA B 508 -18.30 6.34 25.57
C ALA B 508 -19.05 5.25 26.33
N ASN B 509 -20.36 5.15 26.11
CA ASN B 509 -21.16 4.13 26.77
C ASN B 509 -20.66 2.76 26.34
N LEU B 510 -20.71 2.53 25.03
CA LEU B 510 -20.27 1.28 24.44
C LEU B 510 -18.99 0.81 25.11
N GLN B 511 -18.09 1.75 25.39
CA GLN B 511 -16.81 1.44 26.00
C GLN B 511 -16.91 0.99 27.44
N ALA B 512 -17.69 1.71 28.23
CA ALA B 512 -17.84 1.37 29.62
C ALA B 512 -18.33 -0.07 29.69
N ASP B 513 -19.25 -0.41 28.79
CA ASP B 513 -19.84 -1.73 28.73
C ASP B 513 -18.79 -2.78 28.39
N LEU B 514 -17.88 -2.45 27.48
CA LEU B 514 -16.81 -3.38 27.10
C LEU B 514 -15.83 -3.51 28.26
N GLU B 515 -15.57 -2.41 28.94
CA GLU B 515 -14.64 -2.43 30.07
C GLU B 515 -15.24 -3.28 31.20
N ARG B 516 -16.57 -3.29 31.30
CA ARG B 516 -17.27 -4.11 32.29
C ARG B 516 -16.99 -5.55 31.93
N ALA B 517 -16.75 -5.81 30.64
CA ALA B 517 -16.48 -7.15 30.16
C ALA B 517 -15.01 -7.43 30.13
N GLY B 518 -14.22 -6.56 30.75
CA GLY B 518 -12.79 -6.78 30.77
C GLY B 518 -12.03 -6.52 29.47
N ILE B 519 -12.61 -5.73 28.57
CA ILE B 519 -11.97 -5.41 27.31
C ILE B 519 -11.76 -3.92 27.21
N HIS B 520 -10.53 -3.48 26.96
CA HIS B 520 -10.29 -2.05 26.89
C HIS B 520 -9.99 -1.54 25.49
N PRO B 521 -10.86 -0.67 24.96
CA PRO B 521 -10.65 -0.12 23.61
C PRO B 521 -9.23 0.39 23.45
N TRP B 522 -8.56 -0.11 22.42
CA TRP B 522 -7.19 0.26 22.13
C TRP B 522 -7.11 1.65 21.51
N GLY B 523 -8.19 2.10 20.88
CA GLY B 523 -8.17 3.41 20.30
C GLY B 523 -9.53 3.88 19.79
N TRP B 524 -9.60 5.14 19.38
CA TRP B 524 -10.82 5.71 18.86
C TRP B 524 -10.54 6.42 17.54
N ILE B 525 -11.44 6.25 16.59
CA ILE B 525 -11.29 6.90 15.31
C ILE B 525 -12.47 7.85 15.22
N ILE B 526 -12.20 9.13 14.96
CA ILE B 526 -13.28 10.09 14.82
C ILE B 526 -13.49 10.24 13.32
N ASN B 527 -14.57 9.68 12.82
CA ASN B 527 -14.85 9.73 11.38
C ASN B 527 -15.64 10.97 10.97
N ASN B 528 -15.67 11.23 9.68
CA ASN B 528 -16.39 12.38 9.11
C ASN B 528 -16.11 13.67 9.82
N SER B 529 -14.86 14.11 9.81
CA SER B 529 -14.51 15.34 10.47
C SER B 529 -14.34 16.44 9.42
N LEU B 530 -14.89 17.62 9.71
CA LEU B 530 -14.76 18.74 8.78
C LEU B 530 -13.47 19.51 9.10
N SER B 531 -13.10 19.53 10.38
CA SER B 531 -11.89 20.20 10.78
C SER B 531 -10.70 19.80 9.90
N ILE B 532 -10.37 18.52 9.90
CA ILE B 532 -9.27 18.01 9.11
C ILE B 532 -9.57 18.05 7.61
N ALA B 533 -10.74 18.58 7.25
CA ALA B 533 -11.09 18.65 5.82
C ALA B 533 -10.83 20.06 5.27
N ASP B 534 -10.50 20.14 3.99
CA ASP B 534 -10.24 21.44 3.39
C ASP B 534 -11.46 21.97 2.69
N THR B 535 -11.87 23.16 3.11
CA THR B 535 -13.06 23.77 2.53
C THR B 535 -13.03 25.27 2.79
N ARG B 536 -13.54 26.04 1.83
CA ARG B 536 -13.58 27.49 1.98
C ARG B 536 -15.02 27.88 2.33
N SER B 537 -15.95 26.97 2.09
CA SER B 537 -17.36 27.19 2.40
C SER B 537 -17.47 27.70 3.83
N PRO B 538 -17.94 28.94 4.01
CA PRO B 538 -18.08 29.52 5.36
C PRO B 538 -18.95 28.71 6.33
N LEU B 539 -19.85 27.88 5.80
CA LEU B 539 -20.71 27.07 6.65
C LEU B 539 -19.95 25.88 7.20
N LEU B 540 -19.36 25.09 6.31
CA LEU B 540 -18.61 23.92 6.74
C LEU B 540 -17.51 24.29 7.72
N ARG B 541 -16.90 25.45 7.52
CA ARG B 541 -15.85 25.90 8.42
C ARG B 541 -16.46 26.19 9.76
N MET B 542 -17.66 26.75 9.74
CA MET B 542 -18.34 27.08 10.99
C MET B 542 -18.67 25.75 11.69
N ARG B 543 -19.05 24.75 10.90
CA ARG B 543 -19.38 23.42 11.41
C ARG B 543 -18.13 22.75 11.96
N ALA B 544 -17.01 22.96 11.27
CA ALA B 544 -15.75 22.38 11.68
C ALA B 544 -15.32 22.94 13.03
N GLN B 545 -15.71 24.17 13.33
CA GLN B 545 -15.32 24.77 14.60
C GLN B 545 -16.13 24.16 15.74
N GLN B 546 -17.33 23.69 15.43
CA GLN B 546 -18.20 23.07 16.42
C GLN B 546 -17.65 21.70 16.88
N GLU B 547 -16.80 21.09 16.07
CA GLU B 547 -16.24 19.77 16.38
C GLU B 547 -15.20 19.76 17.48
N LEU B 548 -14.36 20.79 17.51
CA LEU B 548 -13.28 20.85 18.48
C LEU B 548 -13.63 20.39 19.91
N PRO B 549 -14.71 20.92 20.48
CA PRO B 549 -15.10 20.51 21.85
C PRO B 549 -15.19 18.98 21.99
N GLN B 550 -15.79 18.31 21.00
CA GLN B 550 -15.92 16.86 21.04
C GLN B 550 -14.56 16.19 20.82
N ILE B 551 -13.81 16.63 19.81
CA ILE B 551 -12.51 16.02 19.59
C ILE B 551 -11.81 16.04 20.94
N GLU B 552 -11.85 17.21 21.58
CA GLU B 552 -11.25 17.39 22.90
C GLU B 552 -11.73 16.36 23.94
N SER B 553 -13.03 16.08 23.96
CA SER B 553 -13.59 15.11 24.90
C SER B 553 -12.96 13.75 24.66
N VAL B 554 -12.79 13.39 23.39
CA VAL B 554 -12.21 12.11 23.03
C VAL B 554 -10.77 11.99 23.48
N LYS B 555 -9.94 12.91 23.01
CA LYS B 555 -8.51 12.91 23.33
C LYS B 555 -8.18 13.03 24.81
N ARG B 556 -8.98 13.80 25.55
CA ARG B 556 -8.72 14.02 26.96
C ARG B 556 -9.79 13.49 27.90
N GLN B 557 -10.36 12.33 27.59
CA GLN B 557 -11.39 11.78 28.45
C GLN B 557 -11.88 10.40 28.08
N HIS B 558 -11.91 10.09 26.79
CA HIS B 558 -12.41 8.79 26.39
C HIS B 558 -11.43 7.89 25.66
N ALA B 559 -10.39 8.46 25.09
CA ALA B 559 -9.48 7.65 24.33
C ALA B 559 -8.00 7.80 24.57
N SER B 560 -7.34 6.65 24.64
CA SER B 560 -5.89 6.58 24.81
C SER B 560 -5.28 7.05 23.48
N ARG B 561 -5.68 6.41 22.38
CA ARG B 561 -5.17 6.80 21.08
C ARG B 561 -6.37 7.24 20.27
N VAL B 562 -6.20 8.31 19.50
CA VAL B 562 -7.26 8.84 18.69
C VAL B 562 -6.77 9.05 17.26
N ALA B 563 -7.67 8.90 16.30
CA ALA B 563 -7.33 9.13 14.89
C ALA B 563 -8.41 10.06 14.31
N LEU B 564 -8.03 10.97 13.41
CA LEU B 564 -9.01 11.83 12.79
C LEU B 564 -9.08 11.54 11.30
N VAL B 565 -10.27 11.23 10.81
CA VAL B 565 -10.46 10.96 9.37
C VAL B 565 -11.35 12.09 8.85
N PRO B 566 -11.07 12.59 7.65
CA PRO B 566 -11.89 13.68 7.13
C PRO B 566 -13.15 13.27 6.42
N VAL B 567 -14.05 14.24 6.25
CA VAL B 567 -15.26 14.01 5.49
C VAL B 567 -14.68 14.01 4.08
N LEU B 568 -14.81 12.90 3.36
CA LEU B 568 -14.27 12.80 2.02
C LEU B 568 -15.12 13.44 0.92
N ALA B 569 -14.45 13.89 -0.14
CA ALA B 569 -15.10 14.53 -1.27
C ALA B 569 -16.18 13.62 -1.84
N SER B 570 -15.76 12.58 -2.55
CA SER B 570 -16.69 11.65 -3.17
C SER B 570 -17.40 10.72 -2.16
N GLU B 571 -16.79 9.57 -1.90
CA GLU B 571 -17.35 8.58 -0.98
C GLU B 571 -16.53 7.30 -1.17
N PRO B 572 -15.84 6.86 -0.10
CA PRO B 572 -14.97 5.68 -0.05
C PRO B 572 -15.55 4.39 -0.62
N THR B 573 -15.72 4.34 -1.93
CA THR B 573 -16.24 3.17 -2.61
C THR B 573 -15.09 2.53 -3.39
N GLY B 574 -14.30 3.36 -4.03
CA GLY B 574 -13.16 2.85 -4.79
C GLY B 574 -12.01 2.57 -3.83
N ILE B 575 -11.24 1.55 -4.13
CA ILE B 575 -10.12 1.22 -3.27
C ILE B 575 -9.19 2.43 -3.20
N ASP B 576 -9.08 3.13 -4.32
CA ASP B 576 -8.23 4.29 -4.37
C ASP B 576 -8.84 5.40 -3.53
N LYS B 577 -10.10 5.70 -3.75
CA LYS B 577 -10.77 6.74 -2.98
C LYS B 577 -10.68 6.38 -1.49
N LEU B 578 -10.50 5.09 -1.23
CA LEU B 578 -10.41 4.56 0.13
C LEU B 578 -9.05 4.84 0.76
N LYS B 579 -7.99 4.76 -0.03
CA LYS B 579 -6.62 5.00 0.43
C LYS B 579 -6.41 6.45 0.87
N GLN B 580 -7.29 7.34 0.44
CA GLN B 580 -7.18 8.75 0.82
C GLN B 580 -7.68 9.04 2.23
N LEU B 581 -8.41 8.10 2.83
CA LEU B 581 -8.92 8.30 4.19
C LEU B 581 -7.82 8.27 5.23
N ALA B 582 -6.97 7.26 5.13
CA ALA B 582 -5.84 7.02 6.02
C ALA B 582 -4.91 8.19 6.16
N GLY B 583 -4.47 8.74 5.04
CA GLY B 583 -3.55 9.85 5.10
C GLY B 583 -2.14 9.29 5.02
N HIS B 584 -1.17 10.15 4.78
CA HIS B 584 0.20 9.72 4.63
C HIS B 584 0.94 9.22 5.89
N HIS B 585 1.81 8.24 5.69
CA HIS B 585 2.64 7.70 6.76
C HIS B 585 3.57 8.84 7.19
N HIS B 586 3.31 9.40 8.36
CA HIS B 586 4.15 10.48 8.85
C HIS B 586 5.10 9.85 9.86
N HIS B 587 6.39 9.83 9.52
CA HIS B 587 7.39 9.22 10.40
C HIS B 587 7.57 10.01 11.71
N HIS B 588 7.72 9.30 12.82
CA HIS B 588 7.84 9.98 14.10
C HIS B 588 8.57 9.20 15.19
N HIS B 589 9.11 9.93 16.16
CA HIS B 589 9.82 9.32 17.28
C HIS B 589 9.07 9.62 18.58
#